data_4HJJ
#
_entry.id   4HJJ
#
_cell.length_a   274.385
_cell.length_b   65.498
_cell.length_c   78.802
_cell.angle_alpha   90.00
_cell.angle_beta   95.20
_cell.angle_gamma   90.00
#
_symmetry.space_group_name_H-M   'C 1 2 1'
#
loop_
_entity.id
_entity.type
_entity.pdbx_description
1 polymer Interleukin-18
2 polymer 'Anti-IL12 Anti-IL18 DFab Heavy Chain'
3 polymer 'Anti-IL12 Anti-IL18 DFab Light Chain'
4 non-polymer GLYCEROL
5 non-polymer 'SULFATE ION'
6 non-polymer 'CHLORIDE ION'
7 water water
#
loop_
_entity_poly.entity_id
_entity_poly.type
_entity_poly.pdbx_seq_one_letter_code
_entity_poly.pdbx_strand_id
1 'polypeptide(L)'
;YFGKLESKLSVIRNLNDQVLFIDQGNRPLFEDMTDSDARDNAPRTIFIISMYKDSQPRGMAVTISVKAEKISTLSAENKI
ISFKEMNPPDNIKDTKSDIIFFQRSVPGHDNKMQFESSSYEGYFLAAEKERDLFKLILKKEDELGDRSIMFTVQNEA
;
A
2 'polypeptide(L)'
;EVTLRESGPALVKPTQTLTLTCTFSGFSLSKSVMGVSWIRQPPGKALEWLAHIYWDDDKYYNPSLSARLTISKDTSKNQV
VLTMTNMDPVDTATYYCARRGIRSAMDYWGQGTTVTVSSASTKGPEVQLVQSGTEVKKPGESLKISCKGSGYTVTSYWIG
WVRQMPGKGLEWMGFIYPGDSETRYSPTFQGQVTISADKSFNTAFLQWSSLKASDTAMYYCARVGSGWYPYTFDIWGQGT
MVTVSSASTKGPSVFPLAPSSSKSTSGGTAALGCLVKDYFPEPVTVSWNSGALTSGVHTFPAVLQSSGLYSLSSVVTVPS
SSLGTQTYICNVNHKPSNTKVDKKVEPK
;
H
3 'polypeptide(L)'
;DIVMTQSPDSLAVSLGERATINCKASQSVSNDVAWYQQKPGQPPKLLIYYASNRYTGVPDRFSGSGSGTDFTLTISSLEA
EDVAVYYCQQDYNSPWTFGGGTKVEIKRTVAAPEIVMTQSPATLSVSPGERATLSCRASESISSNLAWYQQKPGQAPRLF
IYTASTRATDIPARFSGSGSGTEFTLTISSLQSEDFAVYYCQQYNNWPSITFGQGTRLEIKRTVAAPSVFIFPPSDEQLK
SGTASVVCLLNNFYPREAKVQWKVDNALQSGNSQESVTEQDSKDSTYSLSSTLTLSKADYEKHKVYACEVTHQGLSSPVT
KSFNRGE
;
L
#
loop_
_chem_comp.id
_chem_comp.type
_chem_comp.name
_chem_comp.formula
CL non-polymer 'CHLORIDE ION' 'Cl -1'
GOL non-polymer GLYCEROL 'C3 H8 O3'
SO4 non-polymer 'SULFATE ION' 'O4 S -2'
#
# COMPACT_ATOMS: atom_id res chain seq x y z
N TYR A 1 14.77 -13.85 35.04
CA TYR A 1 13.77 -14.92 35.11
C TYR A 1 12.56 -14.55 35.99
N PHE A 2 11.44 -15.24 35.74
CA PHE A 2 10.17 -15.01 36.46
C PHE A 2 9.62 -16.32 37.05
N GLY A 3 8.99 -16.20 38.21
CA GLY A 3 8.35 -17.29 38.93
C GLY A 3 7.00 -16.85 39.47
N LYS A 4 5.92 -17.59 39.11
CA LYS A 4 4.53 -17.31 39.51
C LYS A 4 4.38 -17.32 41.04
N LEU A 5 3.80 -16.25 41.57
CA LEU A 5 3.62 -16.02 43.00
C LEU A 5 2.16 -16.15 43.45
N GLU A 6 1.22 -15.93 42.53
CA GLU A 6 -0.22 -15.99 42.73
C GLU A 6 -0.96 -15.47 41.51
N SER A 7 -2.24 -15.81 41.41
CA SER A 7 -3.15 -15.33 40.40
C SER A 7 -4.21 -14.49 41.14
N LYS A 8 -5.03 -13.74 40.40
CA LYS A 8 -6.09 -12.89 40.94
C LYS A 8 -7.15 -12.68 39.87
N LEU A 9 -8.43 -12.71 40.28
CA LEU A 9 -9.56 -12.47 39.37
C LEU A 9 -9.75 -10.98 39.36
N SER A 10 -9.75 -10.40 38.15
CA SER A 10 -9.81 -8.95 38.05
C SER A 10 -10.58 -8.41 36.88
N VAL A 11 -11.16 -7.23 37.07
CA VAL A 11 -11.87 -6.46 36.06
C VAL A 11 -10.91 -5.28 35.68
N ILE A 12 -10.50 -5.24 34.41
CA ILE A 12 -9.59 -4.19 33.90
C ILE A 12 -10.45 -3.15 33.21
N ARG A 13 -10.45 -1.90 33.71
CA ARG A 13 -11.18 -0.79 33.09
C ARG A 13 -10.19 0.19 32.43
N ASN A 14 -10.60 0.79 31.31
CA ASN A 14 -9.78 1.76 30.61
C ASN A 14 -10.12 3.14 31.15
N LEU A 15 -9.54 4.20 30.56
CA LEU A 15 -9.69 5.62 30.92
C LEU A 15 -11.11 6.17 30.85
N ASN A 16 -11.99 5.54 30.08
CA ASN A 16 -13.38 5.97 29.95
C ASN A 16 -14.26 5.20 30.94
N ASP A 17 -13.61 4.36 31.77
CA ASP A 17 -14.21 3.52 32.81
C ASP A 17 -14.98 2.35 32.19
N GLN A 18 -14.59 1.96 30.95
CA GLN A 18 -15.17 0.84 30.26
C GLN A 18 -14.37 -0.41 30.58
N VAL A 19 -15.08 -1.54 30.74
CA VAL A 19 -14.55 -2.87 31.07
C VAL A 19 -13.99 -3.55 29.82
N LEU A 20 -12.83 -4.19 29.99
CA LEU A 20 -12.21 -4.97 28.94
C LEU A 20 -12.86 -6.37 28.94
N PHE A 21 -13.17 -6.89 27.73
CA PHE A 21 -13.71 -8.23 27.53
C PHE A 21 -13.32 -8.86 26.21
N ILE A 22 -13.11 -10.19 26.22
CA ILE A 22 -12.65 -11.00 25.10
C ILE A 22 -13.77 -11.87 24.53
N ASP A 23 -14.13 -11.73 23.23
CA ASP A 23 -15.15 -12.65 22.71
C ASP A 23 -14.61 -13.88 21.95
N GLN A 24 -15.50 -14.61 21.21
CA GLN A 24 -15.22 -15.85 20.49
C GLN A 24 -13.92 -15.91 19.70
N GLY A 25 -13.63 -14.89 18.91
CA GLY A 25 -12.41 -14.87 18.11
C GLY A 25 -11.23 -14.21 18.76
N ASN A 26 -11.17 -14.25 20.12
CA ASN A 26 -10.15 -13.62 20.97
C ASN A 26 -10.05 -12.09 20.73
N ARG A 27 -11.18 -11.46 20.35
CA ARG A 27 -11.33 -10.05 20.02
C ARG A 27 -11.53 -9.18 21.27
N PRO A 28 -10.48 -8.43 21.75
CA PRO A 28 -10.66 -7.57 22.93
C PRO A 28 -11.43 -6.29 22.60
N LEU A 29 -12.39 -5.95 23.46
CA LEU A 29 -13.24 -4.76 23.32
C LEU A 29 -13.36 -4.08 24.68
N PHE A 30 -13.84 -2.82 24.68
CA PHE A 30 -14.13 -2.10 25.90
C PHE A 30 -15.60 -1.68 25.85
N GLU A 31 -16.34 -1.99 26.93
CA GLU A 31 -17.77 -1.69 27.06
C GLU A 31 -18.13 -1.11 28.43
N ASP A 32 -19.10 -0.20 28.45
CA ASP A 32 -19.63 0.43 29.67
C ASP A 32 -20.53 -0.59 30.39
N MET A 33 -20.05 -1.08 31.56
CA MET A 33 -20.67 -2.09 32.40
C MET A 33 -20.53 -1.69 33.86
N THR A 34 -21.45 -2.20 34.73
CA THR A 34 -21.32 -2.08 36.19
C THR A 34 -20.48 -3.32 36.58
N ASP A 35 -19.96 -3.37 37.81
CA ASP A 35 -19.21 -4.55 38.27
C ASP A 35 -20.09 -5.82 38.28
N SER A 36 -21.39 -5.69 38.62
CA SER A 36 -22.29 -6.86 38.62
C SER A 36 -22.49 -7.40 37.20
N ASP A 37 -22.62 -6.49 36.19
CA ASP A 37 -22.65 -6.87 34.77
C ASP A 37 -21.37 -7.62 34.37
N ALA A 38 -20.21 -7.15 34.87
CA ALA A 38 -18.93 -7.78 34.57
C ALA A 38 -18.89 -9.16 35.19
N ARG A 39 -19.36 -9.32 36.45
CA ARG A 39 -19.46 -10.65 37.10
C ARG A 39 -20.45 -11.54 36.33
N ASP A 40 -21.58 -10.95 35.89
CA ASP A 40 -22.57 -11.67 35.09
C ASP A 40 -22.04 -12.09 33.75
N ASN A 41 -21.16 -11.26 33.14
CA ASN A 41 -20.57 -11.60 31.84
C ASN A 41 -19.25 -12.37 31.96
N ALA A 42 -18.97 -12.97 33.14
CA ALA A 42 -17.77 -13.80 33.30
C ALA A 42 -18.02 -15.10 32.50
N PRO A 43 -17.02 -15.72 31.87
CA PRO A 43 -15.58 -15.44 31.92
C PRO A 43 -15.02 -14.66 30.71
N ARG A 44 -15.79 -13.71 30.14
CA ARG A 44 -15.33 -12.86 29.04
C ARG A 44 -14.76 -11.54 29.61
N THR A 45 -15.23 -11.10 30.79
CA THR A 45 -14.85 -9.84 31.45
C THR A 45 -13.97 -10.02 32.69
N ILE A 46 -13.60 -11.26 33.04
CA ILE A 46 -12.82 -11.48 34.25
C ILE A 46 -11.51 -12.04 33.84
N PHE A 47 -10.45 -11.27 34.14
CA PHE A 47 -9.10 -11.66 33.78
C PHE A 47 -8.38 -12.23 34.95
N ILE A 48 -7.58 -13.25 34.66
CA ILE A 48 -6.69 -13.88 35.60
C ILE A 48 -5.32 -13.13 35.44
N ILE A 49 -5.02 -12.18 36.35
CA ILE A 49 -3.74 -11.47 36.37
C ILE A 49 -2.81 -12.27 37.33
N SER A 50 -1.88 -13.06 36.75
CA SER A 50 -0.89 -13.82 37.52
C SER A 50 0.32 -12.93 37.81
N MET A 51 0.61 -12.69 39.10
CA MET A 51 1.77 -11.90 39.52
C MET A 51 2.96 -12.84 39.58
N TYR A 52 4.13 -12.35 39.19
CA TYR A 52 5.38 -13.10 39.16
C TYR A 52 6.49 -12.37 39.92
N LYS A 53 7.43 -13.13 40.47
CA LYS A 53 8.61 -12.56 41.10
C LYS A 53 9.63 -12.41 39.98
N ASP A 54 10.29 -11.25 39.93
CA ASP A 54 11.28 -10.96 38.91
C ASP A 54 12.67 -10.92 39.54
N SER A 55 13.67 -11.52 38.86
CA SER A 55 15.07 -11.51 39.29
C SER A 55 15.67 -10.08 39.17
N GLN A 56 15.00 -9.22 38.39
CA GLN A 56 15.34 -7.83 38.09
C GLN A 56 14.04 -7.00 38.22
N PRO A 57 13.77 -6.31 39.35
CA PRO A 57 12.48 -5.56 39.48
C PRO A 57 12.28 -4.40 38.51
N ARG A 58 11.09 -4.36 37.80
CA ARG A 58 10.74 -3.37 36.76
C ARG A 58 9.24 -2.79 36.58
N GLY A 59 8.31 -2.85 37.55
CA GLY A 59 8.33 -3.50 38.85
C GLY A 59 7.50 -4.76 38.81
N MET A 60 6.17 -4.66 39.10
CA MET A 60 5.29 -5.83 39.12
C MET A 60 5.08 -6.56 37.77
N ALA A 61 5.74 -7.71 37.60
CA ALA A 61 5.62 -8.55 36.41
C ALA A 61 4.27 -9.32 36.48
N VAL A 62 3.43 -9.14 35.44
CA VAL A 62 2.11 -9.77 35.36
C VAL A 62 1.88 -10.39 33.98
N THR A 63 1.10 -11.51 33.95
CA THR A 63 0.59 -12.12 32.70
C THR A 63 -0.91 -11.91 32.83
N ILE A 64 -1.63 -11.66 31.72
CA ILE A 64 -3.07 -11.39 31.74
C ILE A 64 -3.76 -12.49 30.93
N SER A 65 -4.62 -13.28 31.62
CA SER A 65 -5.30 -14.42 31.02
C SER A 65 -6.80 -14.38 31.10
N VAL A 66 -7.43 -15.19 30.27
CA VAL A 66 -8.87 -15.26 30.19
C VAL A 66 -9.27 -16.71 29.92
N LYS A 67 -10.32 -17.20 30.60
CA LYS A 67 -10.78 -18.57 30.42
C LYS A 67 -12.07 -18.64 29.62
N ALA A 68 -12.03 -19.21 28.41
CA ALA A 68 -13.23 -19.43 27.58
C ALA A 68 -13.55 -20.91 27.89
N GLU A 69 -13.34 -21.82 26.91
CA GLU A 69 -13.42 -23.26 27.15
C GLU A 69 -12.02 -23.56 27.71
N LYS A 70 -10.95 -23.08 27.01
CA LYS A 70 -9.55 -23.18 27.42
C LYS A 70 -9.04 -21.82 27.96
N ILE A 71 -7.77 -21.75 28.35
CA ILE A 71 -7.18 -20.50 28.86
C ILE A 71 -6.27 -19.90 27.78
N SER A 72 -6.42 -18.59 27.54
CA SER A 72 -5.60 -17.88 26.57
C SER A 72 -4.88 -16.69 27.23
N THR A 73 -3.58 -16.54 26.93
CA THR A 73 -2.77 -15.47 27.52
C THR A 73 -2.46 -14.34 26.54
N LEU A 74 -2.63 -13.06 27.03
CA LEU A 74 -2.34 -11.83 26.31
C LEU A 74 -0.89 -11.80 25.93
N SER A 75 -0.62 -11.63 24.62
CA SER A 75 0.71 -11.58 24.03
C SER A 75 0.97 -10.29 23.24
N ALA A 76 2.22 -9.82 23.31
CA ALA A 76 2.70 -8.59 22.65
C ALA A 76 3.76 -8.87 21.58
N GLU A 77 3.89 -10.13 21.13
CA GLU A 77 4.87 -10.55 20.12
C GLU A 77 4.74 -9.72 18.82
N ASN A 78 5.91 -9.28 18.28
CA ASN A 78 6.05 -8.48 17.05
C ASN A 78 5.26 -7.16 17.11
N LYS A 79 5.05 -6.60 18.32
CA LYS A 79 4.30 -5.34 18.56
C LYS A 79 2.80 -5.45 18.20
N ILE A 80 2.31 -6.70 18.14
CA ILE A 80 0.94 -7.07 17.83
C ILE A 80 0.27 -7.70 19.07
N ILE A 81 -0.95 -7.23 19.42
CA ILE A 81 -1.76 -7.80 20.50
C ILE A 81 -2.51 -9.02 19.98
N SER A 82 -2.37 -10.15 20.68
CA SER A 82 -3.07 -11.42 20.42
C SER A 82 -3.22 -12.20 21.74
N PHE A 83 -4.15 -13.15 21.75
CA PHE A 83 -4.40 -14.03 22.88
C PHE A 83 -4.03 -15.40 22.44
N LYS A 84 -2.87 -15.90 22.88
CA LYS A 84 -2.44 -17.25 22.52
C LYS A 84 -3.01 -18.30 23.49
N GLU A 85 -3.54 -19.42 22.93
CA GLU A 85 -4.14 -20.54 23.67
C GLU A 85 -3.06 -21.24 24.49
N MET A 86 -2.94 -20.82 25.77
CA MET A 86 -1.96 -21.34 26.72
C MET A 86 -2.22 -20.86 28.14
N ASN A 87 -1.64 -21.56 29.12
CA ASN A 87 -1.74 -21.21 30.52
C ASN A 87 -0.49 -20.46 30.92
N PRO A 88 -0.61 -19.44 31.80
CA PRO A 88 0.59 -18.72 32.26
C PRO A 88 1.55 -19.71 32.94
N PRO A 89 2.78 -19.90 32.42
CA PRO A 89 3.70 -20.88 33.02
C PRO A 89 4.15 -20.48 34.42
N ASP A 90 4.43 -21.49 35.27
CA ASP A 90 4.89 -21.26 36.64
C ASP A 90 6.21 -20.47 36.63
N ASN A 91 7.13 -20.81 35.71
CA ASN A 91 8.42 -20.15 35.59
C ASN A 91 8.82 -19.80 34.14
N ILE A 92 9.27 -18.54 33.92
CA ILE A 92 9.76 -18.01 32.62
C ILE A 92 11.27 -17.75 32.72
N LYS A 93 12.02 -18.25 31.73
CA LYS A 93 13.49 -18.18 31.66
C LYS A 93 14.17 -16.80 31.51
N ASP A 94 13.88 -16.03 30.43
CA ASP A 94 14.56 -14.76 30.18
C ASP A 94 14.09 -13.56 31.02
N THR A 95 14.73 -12.39 30.84
CA THR A 95 14.37 -11.13 31.51
C THR A 95 13.21 -10.45 30.74
N LYS A 96 13.00 -10.88 29.49
CA LYS A 96 11.95 -10.35 28.59
C LYS A 96 11.04 -11.51 28.12
N SER A 97 9.72 -11.26 28.04
CA SER A 97 8.76 -12.24 27.52
C SER A 97 7.58 -11.56 26.89
N ASP A 98 7.09 -12.12 25.74
CA ASP A 98 5.93 -11.62 24.99
C ASP A 98 4.68 -11.54 25.84
N ILE A 99 4.56 -12.44 26.85
CA ILE A 99 3.40 -12.52 27.75
C ILE A 99 3.54 -11.78 29.08
N ILE A 100 4.76 -11.32 29.40
CA ILE A 100 5.03 -10.58 30.63
C ILE A 100 4.89 -9.10 30.42
N PHE A 101 4.10 -8.48 31.28
CA PHE A 101 3.83 -7.05 31.31
C PHE A 101 4.20 -6.50 32.67
N PHE A 102 4.88 -5.34 32.70
CA PHE A 102 5.23 -4.71 33.95
C PHE A 102 4.13 -3.73 34.30
N GLN A 103 3.47 -4.01 35.42
CA GLN A 103 2.39 -3.20 35.92
C GLN A 103 2.96 -2.20 36.91
N ARG A 104 2.67 -0.91 36.71
CA ARG A 104 3.19 0.13 37.60
C ARG A 104 2.13 1.15 37.76
N SER A 105 2.21 1.90 38.85
CA SER A 105 1.31 3.02 39.13
C SER A 105 1.71 4.13 38.15
N VAL A 106 0.73 4.90 37.64
CA VAL A 106 1.11 6.01 36.78
C VAL A 106 1.46 7.20 37.67
N PRO A 107 2.71 7.73 37.53
CA PRO A 107 3.13 8.83 38.40
C PRO A 107 2.14 10.00 38.39
N GLY A 108 1.81 10.47 39.59
CA GLY A 108 0.91 11.60 39.81
C GLY A 108 -0.56 11.36 39.56
N HIS A 109 -0.94 10.12 39.23
CA HIS A 109 -2.33 9.74 38.93
C HIS A 109 -2.83 8.60 39.86
N ASP A 110 -3.30 8.99 41.06
CA ASP A 110 -3.79 8.10 42.13
C ASP A 110 -4.63 6.89 41.70
N ASN A 111 -4.05 5.68 41.85
CA ASN A 111 -4.63 4.36 41.56
C ASN A 111 -4.62 3.88 40.10
N LYS A 112 -4.29 4.77 39.14
CA LYS A 112 -4.23 4.37 37.72
C LYS A 112 -3.02 3.49 37.50
N MET A 113 -3.17 2.43 36.69
CA MET A 113 -2.10 1.47 36.37
C MET A 113 -1.74 1.59 34.89
N GLN A 114 -0.48 1.29 34.55
CA GLN A 114 0.10 1.25 33.21
C GLN A 114 0.79 -0.10 33.07
N PHE A 115 0.71 -0.69 31.87
CA PHE A 115 1.27 -2.01 31.60
C PHE A 115 2.25 -1.91 30.46
N GLU A 116 3.52 -2.06 30.78
CA GLU A 116 4.57 -2.01 29.77
C GLU A 116 4.93 -3.43 29.39
N SER A 117 5.10 -3.66 28.10
CA SER A 117 5.54 -4.93 27.55
C SER A 117 7.00 -5.16 27.96
N SER A 118 7.31 -6.35 28.53
CA SER A 118 8.71 -6.67 28.87
C SER A 118 9.55 -6.89 27.58
N SER A 119 8.90 -7.35 26.52
CA SER A 119 9.56 -7.61 25.23
C SER A 119 9.92 -6.35 24.46
N TYR A 120 9.17 -5.24 24.64
CA TYR A 120 9.34 -3.99 23.89
C TYR A 120 9.32 -2.79 24.79
N GLU A 121 10.51 -2.30 25.19
CA GLU A 121 10.60 -1.17 26.11
C GLU A 121 10.04 0.14 25.58
N GLY A 122 9.22 0.79 26.39
CA GLY A 122 8.51 2.03 26.05
C GLY A 122 7.20 1.77 25.35
N TYR A 123 6.85 0.46 25.13
CA TYR A 123 5.58 0.06 24.51
C TYR A 123 4.60 -0.38 25.59
N PHE A 124 3.45 0.29 25.66
CA PHE A 124 2.43 0.06 26.68
C PHE A 124 1.11 -0.41 26.06
N LEU A 125 0.24 -1.08 26.89
CA LEU A 125 -1.11 -1.44 26.45
C LEU A 125 -1.82 -0.12 26.49
N ALA A 126 -2.71 0.12 25.52
CA ALA A 126 -3.47 1.35 25.46
C ALA A 126 -4.79 1.04 24.81
N ALA A 127 -5.74 1.95 24.94
CA ALA A 127 -7.05 1.82 24.35
C ALA A 127 -7.27 2.88 23.24
N GLU A 128 -7.68 2.42 22.00
CA GLU A 128 -8.00 3.36 20.90
C GLU A 128 -9.37 3.11 20.31
N LYS A 129 -10.06 4.17 19.88
CA LYS A 129 -11.38 4.00 19.26
C LYS A 129 -11.25 3.69 17.76
N GLU A 130 -11.89 2.59 17.32
CA GLU A 130 -11.94 2.14 15.92
C GLU A 130 -13.31 2.55 15.38
N ARG A 131 -13.45 3.90 15.22
CA ARG A 131 -14.62 4.66 14.80
C ARG A 131 -15.65 4.77 15.94
N ASP A 132 -16.29 3.64 16.33
CA ASP A 132 -17.29 3.60 17.42
C ASP A 132 -16.85 2.77 18.63
N LEU A 133 -16.27 1.57 18.37
CA LEU A 133 -15.77 0.64 19.39
C LEU A 133 -14.38 1.01 19.87
N PHE A 134 -14.14 0.95 21.19
CA PHE A 134 -12.79 1.18 21.75
C PHE A 134 -12.09 -0.18 21.75
N LYS A 135 -10.80 -0.21 21.37
CA LYS A 135 -10.07 -1.48 21.35
C LYS A 135 -8.71 -1.40 22.05
N LEU A 136 -8.16 -2.56 22.39
CA LEU A 136 -6.86 -2.67 23.02
C LEU A 136 -5.75 -2.76 21.98
N ILE A 137 -4.64 -2.03 22.20
CA ILE A 137 -3.45 -2.11 21.36
C ILE A 137 -2.16 -1.89 22.20
N LEU A 138 -1.00 -2.15 21.56
CA LEU A 138 0.33 -1.90 22.08
C LEU A 138 0.78 -0.61 21.38
N LYS A 139 1.33 0.33 22.12
CA LYS A 139 1.76 1.60 21.52
C LYS A 139 2.97 2.13 22.25
N LYS A 140 3.95 2.70 21.51
CA LYS A 140 5.14 3.36 22.10
C LYS A 140 4.65 4.60 22.84
N GLU A 141 4.90 4.67 24.17
CA GLU A 141 4.31 5.72 24.98
C GLU A 141 5.26 6.49 25.90
N ASP A 142 6.56 6.21 25.83
CA ASP A 142 7.53 6.93 26.68
C ASP A 142 7.65 8.40 26.30
N GLU A 143 7.30 8.80 25.05
CA GLU A 143 7.33 10.19 24.63
C GLU A 143 5.97 10.83 24.79
N LEU A 144 4.93 10.19 24.24
CA LEU A 144 3.59 10.76 24.26
C LEU A 144 2.87 10.67 25.60
N GLY A 145 3.09 9.56 26.31
CA GLY A 145 2.39 9.25 27.57
C GLY A 145 0.88 9.49 27.49
N ASP A 146 0.22 8.96 26.44
CA ASP A 146 -1.22 9.13 26.18
C ASP A 146 -2.03 8.69 27.41
N ARG A 147 -3.10 9.42 27.73
CA ARG A 147 -3.97 9.11 28.87
C ARG A 147 -4.56 7.72 28.73
N SER A 148 -4.58 7.21 27.50
CA SER A 148 -5.14 5.93 27.13
C SER A 148 -4.36 4.74 27.65
N ILE A 149 -3.18 4.96 28.23
CA ILE A 149 -2.38 3.89 28.84
C ILE A 149 -2.89 3.59 30.27
N MET A 150 -3.70 4.53 30.82
CA MET A 150 -4.20 4.47 32.20
C MET A 150 -5.38 3.52 32.35
N PHE A 151 -5.18 2.47 33.16
CA PHE A 151 -6.18 1.45 33.50
C PHE A 151 -6.39 1.36 35.00
N THR A 152 -7.59 0.92 35.44
CA THR A 152 -7.84 0.64 36.86
C THR A 152 -8.09 -0.84 36.94
N VAL A 153 -7.48 -1.50 37.92
CA VAL A 153 -7.63 -2.93 38.12
C VAL A 153 -8.47 -3.16 39.41
N GLN A 154 -9.67 -3.79 39.28
CA GLN A 154 -10.59 -4.08 40.41
C GLN A 154 -10.63 -5.58 40.65
N ASN A 155 -10.41 -5.98 41.91
CA ASN A 155 -10.42 -7.41 42.27
C ASN A 155 -11.85 -8.02 42.28
N GLU A 156 -11.96 -9.30 41.86
CA GLU A 156 -13.21 -10.10 41.81
C GLU A 156 -12.94 -11.51 42.38
N ALA A 157 -12.07 -11.62 43.41
CA ALA A 157 -11.62 -12.83 44.12
C ALA A 157 -10.87 -13.85 43.26
N GLU B 1 23.75 25.83 26.27
CA GLU B 1 23.83 25.03 25.05
C GLU B 1 23.13 25.70 23.89
N VAL B 2 23.43 25.23 22.68
CA VAL B 2 22.78 25.76 21.49
C VAL B 2 21.52 24.97 21.18
N THR B 3 20.38 25.66 20.93
CA THR B 3 19.11 25.05 20.54
C THR B 3 18.41 25.95 19.54
N LEU B 4 17.62 25.32 18.64
CA LEU B 4 16.76 26.00 17.68
C LEU B 4 15.40 25.37 17.88
N ARG B 5 14.35 26.19 17.85
CA ARG B 5 13.00 25.72 18.03
C ARG B 5 12.10 26.38 17.03
N GLU B 6 11.40 25.58 16.21
CA GLU B 6 10.45 26.16 15.29
C GLU B 6 9.00 26.13 15.78
N SER B 7 8.23 27.16 15.37
CA SER B 7 6.84 27.33 15.71
C SER B 7 6.09 27.86 14.52
N GLY B 8 4.82 27.47 14.42
CA GLY B 8 3.94 27.90 13.34
C GLY B 8 2.68 27.09 13.24
N PRO B 9 1.78 27.50 12.32
CA PRO B 9 0.53 26.74 12.14
C PRO B 9 0.74 25.36 11.55
N ALA B 10 -0.02 24.39 12.07
CA ALA B 10 -0.03 23.01 11.61
C ALA B 10 -0.65 22.92 10.23
N LEU B 11 -1.70 23.74 10.01
CA LEU B 11 -2.50 23.78 8.81
C LEU B 11 -2.52 25.15 8.19
N VAL B 12 -2.42 25.16 6.87
CA VAL B 12 -2.48 26.36 6.04
C VAL B 12 -3.43 26.01 4.88
N LYS B 13 -4.34 26.92 4.53
CA LYS B 13 -5.29 26.73 3.43
C LYS B 13 -4.57 27.04 2.14
N PRO B 14 -4.90 26.36 1.01
CA PRO B 14 -4.24 26.72 -0.26
C PRO B 14 -4.37 28.21 -0.58
N THR B 15 -3.33 28.78 -1.25
CA THR B 15 -3.17 30.19 -1.63
C THR B 15 -2.81 31.12 -0.46
N GLN B 16 -3.09 30.70 0.79
CA GLN B 16 -2.74 31.46 1.99
C GLN B 16 -1.22 31.49 2.22
N THR B 17 -0.76 32.32 3.16
CA THR B 17 0.68 32.41 3.44
C THR B 17 1.09 31.76 4.74
N LEU B 18 2.19 31.01 4.70
CA LEU B 18 2.71 30.35 5.88
C LEU B 18 3.74 31.24 6.56
N THR B 19 3.67 31.33 7.87
CA THR B 19 4.67 32.04 8.64
C THR B 19 5.20 31.14 9.76
N LEU B 20 6.52 30.87 9.72
CA LEU B 20 7.23 30.01 10.68
C LEU B 20 8.23 30.83 11.45
N THR B 21 8.46 30.47 12.71
CA THR B 21 9.43 31.18 13.52
C THR B 21 10.46 30.21 14.04
N CYS B 22 11.73 30.64 14.06
CA CYS B 22 12.83 29.87 14.63
C CYS B 22 13.36 30.61 15.86
N THR B 23 13.10 30.10 17.05
CA THR B 23 13.66 30.73 18.24
C THR B 23 14.91 30.00 18.55
N PHE B 24 16.02 30.72 18.71
CA PHE B 24 17.32 30.10 18.99
C PHE B 24 17.97 30.63 20.28
N SER B 25 18.87 29.81 20.83
CA SER B 25 19.60 30.10 22.05
C SER B 25 21.04 29.64 21.91
N GLY B 26 21.91 30.18 22.74
CA GLY B 26 23.32 29.78 22.82
C GLY B 26 24.26 30.49 21.87
N PHE B 27 23.72 31.43 21.06
CA PHE B 27 24.52 32.22 20.11
C PHE B 27 23.65 33.39 19.70
N SER B 28 24.28 34.44 19.18
CA SER B 28 23.58 35.64 18.73
C SER B 28 23.78 35.72 17.22
N LEU B 29 22.74 36.05 16.47
CA LEU B 29 22.88 36.17 15.02
C LEU B 29 23.76 37.41 14.70
N SER B 30 23.44 38.55 15.31
CA SER B 30 24.13 39.83 15.09
C SER B 30 25.58 39.89 15.56
N LYS B 31 25.91 39.22 16.65
CA LYS B 31 27.26 39.22 17.21
C LYS B 31 28.06 37.97 16.83
N SER B 32 27.57 37.20 15.86
CA SER B 32 28.34 36.01 15.45
C SER B 32 28.48 35.95 13.95
N VAL B 33 29.28 34.98 13.48
CA VAL B 33 29.45 34.66 12.07
C VAL B 33 28.51 33.48 11.66
N MET B 34 27.64 32.95 12.59
CA MET B 34 26.72 31.82 12.32
C MET B 34 25.53 32.34 11.49
N GLY B 35 24.86 31.43 10.80
CA GLY B 35 23.66 31.77 10.03
C GLY B 35 22.54 30.79 10.29
N VAL B 36 21.31 31.19 9.95
CA VAL B 36 20.13 30.33 10.07
C VAL B 36 19.46 30.07 8.72
N SER B 37 19.27 28.76 8.39
CA SER B 37 18.57 28.25 7.21
C SER B 37 17.22 27.65 7.55
N TRP B 38 16.31 27.66 6.53
CA TRP B 38 15.04 26.96 6.55
C TRP B 38 15.17 25.86 5.52
N ILE B 39 14.85 24.63 5.96
CA ILE B 39 14.98 23.42 5.15
C ILE B 39 13.74 22.60 5.35
N ARG B 40 13.09 22.19 4.25
CA ARG B 40 11.90 21.37 4.39
C ARG B 40 12.11 19.93 3.96
N GLN B 41 11.33 19.02 4.54
CA GLN B 41 11.41 17.60 4.24
C GLN B 41 10.01 17.09 3.90
N PRO B 42 9.64 17.13 2.59
CA PRO B 42 8.32 16.62 2.19
C PRO B 42 8.25 15.12 2.41
N PRO B 43 7.10 14.58 2.84
CA PRO B 43 7.05 13.14 3.11
C PRO B 43 7.38 12.33 1.87
N GLY B 44 8.44 11.53 1.98
CA GLY B 44 8.87 10.67 0.88
C GLY B 44 9.80 11.35 -0.09
N LYS B 45 10.26 12.58 0.20
CA LYS B 45 11.16 13.34 -0.70
C LYS B 45 12.43 13.77 0.00
N ALA B 46 13.40 14.27 -0.78
CA ALA B 46 14.67 14.78 -0.29
C ALA B 46 14.45 16.04 0.54
N LEU B 47 15.42 16.34 1.42
CA LEU B 47 15.48 17.59 2.17
C LEU B 47 15.69 18.70 1.14
N GLU B 48 14.96 19.80 1.27
CA GLU B 48 15.07 20.89 0.28
C GLU B 48 15.43 22.18 1.01
N TRP B 49 16.58 22.77 0.68
CA TRP B 49 17.00 24.02 1.31
C TRP B 49 16.17 25.17 0.76
N LEU B 50 15.60 26.01 1.63
CA LEU B 50 14.73 27.13 1.21
C LEU B 50 15.36 28.53 1.21
N ALA B 51 15.89 28.94 2.37
CA ALA B 51 16.43 30.28 2.58
C ALA B 51 17.44 30.28 3.71
N HIS B 52 18.41 31.21 3.64
CA HIS B 52 19.46 31.41 4.62
C HIS B 52 19.62 32.89 4.97
N ILE B 53 19.88 33.17 6.25
CA ILE B 53 20.13 34.53 6.73
C ILE B 53 21.40 34.59 7.56
N TYR B 54 22.25 35.56 7.24
CA TYR B 54 23.45 35.89 7.99
C TYR B 54 23.24 37.34 8.39
N TRP B 55 23.79 37.76 9.53
CA TRP B 55 23.76 39.17 9.90
C TRP B 55 24.72 39.91 8.89
N ASP B 56 24.38 41.12 8.37
CA ASP B 56 23.19 41.93 8.63
C ASP B 56 22.30 41.94 7.39
N ASP B 57 21.18 41.17 7.47
CA ASP B 57 20.22 41.01 6.39
C ASP B 57 20.83 40.54 5.09
N ASP B 58 21.83 39.65 5.19
CA ASP B 58 22.51 39.01 4.08
C ASP B 58 21.66 37.70 3.86
N LYS B 59 20.69 37.79 2.91
CA LYS B 59 19.68 36.78 2.63
C LYS B 59 19.93 36.03 1.35
N TYR B 60 19.76 34.70 1.40
CA TYR B 60 19.97 33.78 0.27
C TYR B 60 18.73 32.93 0.13
N TYR B 61 18.25 32.74 -1.11
CA TYR B 61 17.03 31.97 -1.37
C TYR B 61 17.22 30.89 -2.40
N ASN B 62 16.37 29.84 -2.33
CA ASN B 62 16.34 28.78 -3.35
C ASN B 62 15.76 29.48 -4.61
N PRO B 63 16.51 29.52 -5.74
CA PRO B 63 16.04 30.26 -6.92
C PRO B 63 14.64 29.89 -7.42
N SER B 64 14.27 28.60 -7.31
CA SER B 64 12.97 28.05 -7.70
C SER B 64 11.82 28.57 -6.86
N LEU B 65 12.09 29.02 -5.63
CA LEU B 65 11.05 29.47 -4.70
C LEU B 65 11.15 30.94 -4.26
N SER B 66 12.27 31.62 -4.64
CA SER B 66 12.60 33.02 -4.31
C SER B 66 11.37 33.97 -4.29
N ALA B 67 10.53 33.88 -5.32
CA ALA B 67 9.31 34.67 -5.53
C ALA B 67 8.34 34.60 -4.36
N ARG B 68 8.24 33.45 -3.69
CA ARG B 68 7.28 33.21 -2.59
C ARG B 68 7.90 33.28 -1.19
N LEU B 69 9.24 33.32 -1.13
CA LEU B 69 10.02 33.27 0.12
C LEU B 69 10.51 34.62 0.65
N THR B 70 10.45 34.78 1.98
CA THR B 70 11.01 35.92 2.72
C THR B 70 11.60 35.45 4.04
N ILE B 71 12.93 35.50 4.18
CA ILE B 71 13.62 35.19 5.44
C ILE B 71 13.90 36.54 6.15
N SER B 72 13.53 36.65 7.43
CA SER B 72 13.72 37.90 8.18
C SER B 72 14.14 37.68 9.64
N LYS B 73 14.62 38.76 10.28
CA LYS B 73 15.05 38.76 11.67
C LYS B 73 14.47 39.97 12.37
N ASP B 74 13.85 39.77 13.55
CA ASP B 74 13.36 40.88 14.36
C ASP B 74 14.62 41.35 15.09
N THR B 75 15.05 42.59 14.82
CA THR B 75 16.27 43.21 15.36
C THR B 75 16.51 43.02 16.88
N SER B 76 15.41 42.92 17.65
CA SER B 76 15.42 42.72 19.10
C SER B 76 15.48 41.22 19.46
N LYS B 77 14.41 40.49 19.05
CA LYS B 77 14.17 39.07 19.29
C LYS B 77 15.22 38.12 18.74
N ASN B 78 15.44 36.99 19.44
CA ASN B 78 16.35 35.90 19.07
C ASN B 78 15.54 34.92 18.14
N GLN B 79 14.95 35.48 17.09
CA GLN B 79 14.07 34.80 16.17
C GLN B 79 14.38 35.09 14.71
N VAL B 80 14.25 34.03 13.87
CA VAL B 80 14.39 34.07 12.41
C VAL B 80 13.01 33.64 11.90
N VAL B 81 12.42 34.46 11.03
CA VAL B 81 11.06 34.20 10.52
C VAL B 81 11.11 33.85 9.04
N LEU B 82 10.28 32.87 8.63
CA LEU B 82 10.08 32.49 7.23
C LEU B 82 8.64 32.77 6.86
N THR B 83 8.42 33.52 5.80
CA THR B 83 7.07 33.70 5.27
C THR B 83 7.09 33.04 3.92
N MET B 84 6.12 32.16 3.67
CA MET B 84 6.01 31.47 2.39
C MET B 84 4.63 31.73 1.81
N THR B 85 4.63 32.39 0.67
CA THR B 85 3.44 32.87 -0.05
C THR B 85 2.79 31.82 -0.94
N ASN B 86 1.47 31.95 -1.17
CA ASN B 86 0.67 31.13 -2.08
C ASN B 86 0.84 29.59 -1.84
N MET B 87 0.50 29.15 -0.62
CA MET B 87 0.62 27.74 -0.23
C MET B 87 -0.18 26.74 -1.10
N ASP B 88 0.45 25.63 -1.47
CA ASP B 88 -0.10 24.58 -2.33
C ASP B 88 0.06 23.21 -1.62
N PRO B 89 -0.86 22.22 -1.80
CA PRO B 89 -0.65 20.89 -1.16
C PRO B 89 0.76 20.26 -1.33
N VAL B 90 1.49 20.67 -2.37
CA VAL B 90 2.85 20.22 -2.67
C VAL B 90 3.87 20.77 -1.66
N ASP B 91 3.47 21.81 -0.89
CA ASP B 91 4.26 22.49 0.15
C ASP B 91 4.13 21.81 1.50
N THR B 92 3.23 20.82 1.63
CA THR B 92 3.06 20.00 2.84
C THR B 92 4.39 19.31 3.16
N ALA B 93 4.94 19.56 4.36
CA ALA B 93 6.25 18.96 4.72
C ALA B 93 6.58 19.21 6.18
N THR B 94 7.71 18.63 6.61
CA THR B 94 8.27 18.99 7.92
C THR B 94 9.22 20.14 7.58
N TYR B 95 9.04 21.28 8.24
CA TYR B 95 9.88 22.46 8.08
C TYR B 95 10.84 22.54 9.28
N TYR B 96 12.13 22.63 8.98
CA TYR B 96 13.19 22.74 9.98
C TYR B 96 13.95 24.04 9.84
N CYS B 97 14.38 24.61 10.96
CA CYS B 97 15.37 25.66 10.88
C CYS B 97 16.66 24.98 11.35
N ALA B 98 17.79 25.40 10.81
CA ALA B 98 19.06 24.77 11.10
C ALA B 98 20.11 25.87 11.10
N ARG B 99 21.17 25.64 11.86
CA ARG B 99 22.22 26.61 12.00
C ARG B 99 23.39 26.18 11.16
N ARG B 100 23.88 27.12 10.36
CA ARG B 100 25.06 26.85 9.57
C ARG B 100 26.17 27.42 10.42
N GLY B 101 26.98 26.53 10.98
CA GLY B 101 28.05 26.92 11.87
C GLY B 101 29.36 27.24 11.19
N ILE B 102 30.42 27.12 12.00
CA ILE B 102 31.80 27.40 11.69
C ILE B 102 32.42 26.31 10.84
N ARG B 103 31.73 25.17 10.74
CA ARG B 103 32.15 24.02 9.94
C ARG B 103 31.40 24.01 8.61
N SER B 104 30.67 25.10 8.28
CA SER B 104 29.82 25.31 7.08
C SER B 104 28.60 24.37 6.94
N ALA B 105 28.67 23.16 7.49
CA ALA B 105 27.54 22.20 7.57
C ALA B 105 26.51 22.67 8.64
N MET B 106 25.29 22.07 8.62
CA MET B 106 24.19 22.38 9.53
C MET B 106 24.40 21.60 10.80
N ASP B 107 25.01 22.24 11.79
CA ASP B 107 25.41 21.58 13.03
C ASP B 107 24.32 21.38 14.07
N TYR B 108 23.30 22.24 14.06
CA TYR B 108 22.16 22.21 14.99
C TYR B 108 20.92 22.40 14.17
N TRP B 109 19.86 21.64 14.50
CA TRP B 109 18.59 21.66 13.80
C TRP B 109 17.46 21.78 14.80
N GLY B 110 16.36 22.37 14.40
CA GLY B 110 15.19 22.44 15.26
C GLY B 110 14.47 21.08 15.30
N GLN B 111 13.49 20.94 16.16
CA GLN B 111 12.73 19.68 16.28
C GLN B 111 11.87 19.39 15.05
N GLY B 112 11.62 20.43 14.26
CA GLY B 112 10.82 20.36 13.03
C GLY B 112 9.36 20.63 13.27
N THR B 113 8.73 21.28 12.33
CA THR B 113 7.31 21.56 12.43
C THR B 113 6.59 21.07 11.18
N THR B 114 5.56 20.24 11.35
CA THR B 114 4.83 19.74 10.18
C THR B 114 3.85 20.81 9.72
N VAL B 115 3.78 21.03 8.41
CA VAL B 115 2.87 21.98 7.81
C VAL B 115 2.03 21.20 6.81
N THR B 116 0.71 21.26 6.94
CA THR B 116 -0.21 20.61 6.00
C THR B 116 -0.97 21.69 5.25
N VAL B 117 -0.92 21.64 3.91
CA VAL B 117 -1.65 22.54 3.05
C VAL B 117 -2.79 21.71 2.44
N SER B 118 -4.01 21.86 2.97
CA SER B 118 -5.18 21.09 2.52
C SER B 118 -6.43 21.95 2.39
N SER B 119 -7.21 21.74 1.30
CA SER B 119 -8.44 22.47 0.95
C SER B 119 -9.51 22.43 2.05
N ALA B 120 -9.94 21.21 2.47
CA ALA B 120 -10.93 20.93 3.51
C ALA B 120 -10.96 19.42 3.84
N SER B 121 -11.83 18.98 4.78
CA SER B 121 -11.97 17.56 5.15
C SER B 121 -13.00 16.86 4.26
N THR B 122 -12.59 15.74 3.63
CA THR B 122 -13.40 14.90 2.73
C THR B 122 -12.90 13.45 2.83
N LYS B 123 -13.73 12.57 3.45
CA LYS B 123 -13.53 11.14 3.78
C LYS B 123 -12.93 10.99 5.17
N GLY B 124 -13.70 10.41 6.08
CA GLY B 124 -13.35 10.18 7.47
C GLY B 124 -14.56 10.08 8.39
N PRO B 125 -14.40 9.69 9.68
CA PRO B 125 -13.16 9.32 10.38
C PRO B 125 -12.92 7.79 10.34
N GLU B 126 -13.41 7.13 9.27
CA GLU B 126 -13.30 5.69 9.01
C GLU B 126 -11.85 5.23 8.95
N VAL B 127 -11.57 3.98 9.37
CA VAL B 127 -10.21 3.49 9.23
C VAL B 127 -9.92 3.13 7.76
N GLN B 128 -8.90 3.78 7.19
CA GLN B 128 -8.56 3.57 5.78
C GLN B 128 -7.10 3.83 5.45
N LEU B 129 -6.68 3.29 4.28
CA LEU B 129 -5.39 3.46 3.65
C LEU B 129 -5.68 4.00 2.27
N VAL B 130 -5.11 5.14 1.94
CA VAL B 130 -5.30 5.66 0.62
C VAL B 130 -4.00 5.76 -0.11
N GLN B 131 -3.94 5.06 -1.23
CA GLN B 131 -2.77 4.97 -2.06
C GLN B 131 -2.75 6.05 -3.13
N SER B 132 -1.54 6.41 -3.53
CA SER B 132 -1.30 7.39 -4.59
C SER B 132 -1.80 6.82 -5.97
N GLY B 133 -1.98 7.70 -6.96
CA GLY B 133 -2.55 7.40 -8.27
C GLY B 133 -1.76 6.51 -9.23
N THR B 134 -2.42 6.14 -10.33
CA THR B 134 -1.89 5.30 -11.42
C THR B 134 -0.57 5.87 -11.92
N GLU B 135 0.42 4.98 -12.08
CA GLU B 135 1.74 5.29 -12.53
C GLU B 135 2.00 4.66 -13.87
N VAL B 136 2.55 5.45 -14.80
CA VAL B 136 2.93 4.96 -16.12
C VAL B 136 4.36 5.42 -16.33
N LYS B 137 5.29 4.47 -16.35
CA LYS B 137 6.72 4.73 -16.38
C LYS B 137 7.48 4.01 -17.52
N LYS B 138 8.72 4.48 -17.79
CA LYS B 138 9.60 3.89 -18.81
C LYS B 138 10.58 2.93 -18.11
N PRO B 139 11.08 1.85 -18.75
CA PRO B 139 12.10 1.02 -18.07
C PRO B 139 13.34 1.84 -17.69
N GLY B 140 13.86 1.57 -16.49
CA GLY B 140 15.03 2.23 -15.93
C GLY B 140 14.69 3.41 -15.06
N GLU B 141 13.45 3.89 -15.14
CA GLU B 141 13.08 5.01 -14.27
C GLU B 141 12.94 4.53 -12.81
N SER B 142 13.10 5.45 -11.89
CA SER B 142 12.93 5.19 -10.48
C SER B 142 11.44 5.54 -10.17
N LEU B 143 10.87 4.96 -9.10
CA LEU B 143 9.49 5.26 -8.74
C LEU B 143 9.28 5.06 -7.27
N LYS B 144 8.53 5.97 -6.64
CA LYS B 144 8.13 5.83 -5.26
C LYS B 144 6.63 6.04 -5.17
N ILE B 145 5.91 5.04 -4.59
CA ILE B 145 4.45 5.09 -4.44
C ILE B 145 4.10 5.21 -2.96
N SER B 146 2.94 5.80 -2.63
CA SER B 146 2.59 6.06 -1.25
C SER B 146 1.30 5.40 -0.76
N CYS B 147 1.16 5.32 0.54
CA CYS B 147 0.00 4.72 1.19
C CYS B 147 -0.22 5.55 2.47
N LYS B 148 -1.22 6.47 2.48
CA LYS B 148 -1.54 7.25 3.67
C LYS B 148 -2.67 6.60 4.52
N GLY B 149 -2.38 6.40 5.80
CA GLY B 149 -3.32 5.82 6.76
C GLY B 149 -4.04 6.93 7.49
N SER B 150 -5.31 6.70 7.88
CA SER B 150 -6.10 7.68 8.62
C SER B 150 -7.23 7.00 9.39
N GLY B 151 -7.72 7.64 10.44
CA GLY B 151 -8.78 7.09 11.28
C GLY B 151 -8.29 6.12 12.32
N TYR B 152 -6.97 6.00 12.47
CA TYR B 152 -6.38 5.10 13.49
C TYR B 152 -4.96 5.55 13.84
N THR B 153 -4.29 4.85 14.79
CA THR B 153 -2.91 5.17 15.16
C THR B 153 -2.00 4.48 14.15
N VAL B 154 -1.72 5.19 13.05
CA VAL B 154 -0.95 4.69 11.92
C VAL B 154 0.44 4.24 12.31
N THR B 155 1.00 4.94 13.26
CA THR B 155 2.33 4.73 13.84
C THR B 155 2.46 3.34 14.44
N SER B 156 1.34 2.79 14.95
CA SER B 156 1.28 1.58 15.73
C SER B 156 0.82 0.25 15.13
N TYR B 157 0.67 0.18 13.81
CA TYR B 157 0.31 -1.08 13.16
C TYR B 157 1.26 -1.25 12.02
N TRP B 158 1.69 -2.49 11.75
CA TRP B 158 2.54 -2.82 10.62
C TRP B 158 1.74 -2.62 9.34
N ILE B 159 2.41 -2.17 8.28
CA ILE B 159 1.76 -2.02 6.98
C ILE B 159 2.52 -2.93 6.08
N GLY B 160 1.81 -3.73 5.30
CA GLY B 160 2.42 -4.57 4.28
C GLY B 160 2.16 -4.07 2.88
N TRP B 161 3.07 -4.40 1.95
CA TRP B 161 2.92 -4.16 0.55
C TRP B 161 2.72 -5.47 -0.14
N VAL B 162 1.73 -5.54 -1.01
CA VAL B 162 1.45 -6.76 -1.77
C VAL B 162 1.34 -6.52 -3.27
N ARG B 163 2.06 -7.35 -4.02
CA ARG B 163 2.05 -7.26 -5.47
C ARG B 163 1.01 -8.21 -6.07
N GLN B 164 0.28 -7.73 -7.04
CA GLN B 164 -0.64 -8.54 -7.81
C GLN B 164 -0.41 -8.33 -9.28
N MET B 165 0.33 -9.26 -9.90
CA MET B 165 0.60 -9.23 -11.34
C MET B 165 -0.70 -9.39 -12.12
N PRO B 166 -0.86 -8.81 -13.34
CA PRO B 166 -2.16 -8.97 -14.04
C PRO B 166 -2.64 -10.42 -14.21
N GLY B 167 -3.87 -10.66 -13.75
CA GLY B 167 -4.50 -11.98 -13.76
C GLY B 167 -3.86 -13.00 -12.83
N LYS B 168 -2.98 -12.56 -11.91
CA LYS B 168 -2.31 -13.49 -10.99
C LYS B 168 -2.71 -13.30 -9.53
N GLY B 169 -2.04 -14.02 -8.63
CA GLY B 169 -2.32 -13.98 -7.20
C GLY B 169 -1.61 -12.87 -6.45
N LEU B 170 -1.78 -12.88 -5.13
CA LEU B 170 -1.22 -11.94 -4.16
C LEU B 170 0.15 -12.41 -3.69
N GLU B 171 1.16 -11.50 -3.73
CA GLU B 171 2.51 -11.82 -3.26
C GLU B 171 2.91 -10.76 -2.24
N TRP B 172 3.21 -11.19 -1.03
CA TRP B 172 3.66 -10.31 0.05
C TRP B 172 5.07 -9.85 -0.31
N MET B 173 5.30 -8.52 -0.27
CA MET B 173 6.60 -7.94 -0.61
C MET B 173 7.42 -7.55 0.62
N GLY B 174 6.75 -7.06 1.64
CA GLY B 174 7.42 -6.65 2.87
C GLY B 174 6.51 -5.88 3.78
N PHE B 175 6.92 -5.73 5.05
CA PHE B 175 6.21 -4.99 6.08
C PHE B 175 7.06 -3.88 6.60
N ILE B 176 6.40 -2.84 7.15
CA ILE B 176 7.04 -1.71 7.79
C ILE B 176 6.24 -1.32 8.99
N TYR B 177 6.95 -1.01 10.11
CA TYR B 177 6.30 -0.55 11.34
C TYR B 177 6.49 0.97 11.30
N PRO B 178 5.44 1.74 10.98
CA PRO B 178 5.64 3.19 10.77
C PRO B 178 6.25 3.99 11.92
N GLY B 179 5.93 3.65 13.15
CA GLY B 179 6.45 4.37 14.32
C GLY B 179 7.95 4.47 14.41
N ASP B 180 8.65 3.42 13.97
CA ASP B 180 10.10 3.36 14.04
C ASP B 180 10.79 2.91 12.75
N SER B 181 10.04 2.72 11.63
CA SER B 181 10.59 2.31 10.34
C SER B 181 11.29 0.94 10.34
N GLU B 182 10.90 0.04 11.26
CA GLU B 182 11.42 -1.32 11.24
C GLU B 182 10.78 -2.01 10.04
N THR B 183 11.60 -2.69 9.23
CA THR B 183 11.18 -3.33 8.00
C THR B 183 11.45 -4.81 8.05
N ARG B 184 10.59 -5.57 7.36
CA ARG B 184 10.69 -7.01 7.19
C ARG B 184 10.32 -7.29 5.77
N TYR B 185 11.33 -7.53 4.94
CA TYR B 185 11.19 -7.86 3.52
C TYR B 185 10.97 -9.33 3.30
N SER B 186 10.21 -9.66 2.26
CA SER B 186 10.02 -11.02 1.80
C SER B 186 11.38 -11.40 1.18
N PRO B 187 11.79 -12.69 1.26
CA PRO B 187 13.08 -13.08 0.67
C PRO B 187 13.15 -12.83 -0.85
N THR B 188 11.99 -12.92 -1.53
CA THR B 188 11.77 -12.70 -2.96
C THR B 188 12.02 -11.21 -3.36
N PHE B 189 11.60 -10.28 -2.49
CA PHE B 189 11.67 -8.86 -2.74
C PHE B 189 12.81 -8.13 -2.02
N GLN B 190 13.51 -8.80 -1.10
CA GLN B 190 14.66 -8.23 -0.39
C GLN B 190 15.72 -7.80 -1.42
N GLY B 191 16.10 -6.52 -1.39
CA GLY B 191 17.10 -5.99 -2.34
C GLY B 191 16.57 -5.52 -3.68
N GLN B 192 15.29 -5.78 -3.98
CA GLN B 192 14.65 -5.38 -5.23
C GLN B 192 13.91 -4.06 -5.09
N VAL B 193 13.37 -3.83 -3.90
CA VAL B 193 12.57 -2.66 -3.56
C VAL B 193 13.00 -2.12 -2.21
N THR B 194 12.63 -0.87 -1.90
CA THR B 194 12.87 -0.30 -0.58
C THR B 194 11.53 0.15 -0.01
N ILE B 195 11.24 -0.30 1.23
CA ILE B 195 10.04 0.09 1.94
C ILE B 195 10.45 1.08 3.00
N SER B 196 9.66 2.15 3.17
CA SER B 196 9.98 3.23 4.09
C SER B 196 8.69 3.92 4.54
N ALA B 197 8.81 4.87 5.52
CA ALA B 197 7.64 5.54 6.05
C ALA B 197 8.00 6.89 6.55
N ASP B 198 7.01 7.80 6.57
CA ASP B 198 7.13 9.13 7.16
C ASP B 198 6.14 9.11 8.31
N LYS B 199 6.66 8.93 9.52
CA LYS B 199 5.95 8.82 10.79
C LYS B 199 4.98 9.99 11.01
N SER B 200 5.44 11.24 10.86
CA SER B 200 4.62 12.44 11.06
C SER B 200 3.47 12.51 10.10
N PHE B 201 3.67 12.06 8.85
CA PHE B 201 2.65 12.12 7.80
C PHE B 201 1.82 10.88 7.65
N ASN B 202 2.05 9.86 8.53
CA ASN B 202 1.28 8.60 8.57
C ASN B 202 1.26 7.93 7.20
N THR B 203 2.40 7.98 6.52
CA THR B 203 2.48 7.43 5.17
C THR B 203 3.54 6.36 5.08
N ALA B 204 3.26 5.27 4.36
CA ALA B 204 4.26 4.24 4.05
C ALA B 204 4.58 4.36 2.55
N PHE B 205 5.78 3.95 2.12
CA PHE B 205 6.20 4.03 0.73
C PHE B 205 6.80 2.74 0.22
N LEU B 206 6.71 2.53 -1.10
CA LEU B 206 7.36 1.42 -1.74
C LEU B 206 8.11 2.07 -2.92
N GLN B 207 9.38 1.71 -3.10
CA GLN B 207 10.16 2.32 -4.19
C GLN B 207 11.06 1.34 -4.92
N TRP B 208 11.33 1.65 -6.21
CA TRP B 208 12.23 0.96 -7.13
C TRP B 208 13.28 1.95 -7.59
N SER B 209 14.55 1.53 -7.65
CA SER B 209 15.56 2.46 -8.15
C SER B 209 15.60 2.44 -9.67
N SER B 210 15.30 1.28 -10.29
CA SER B 210 15.30 1.11 -11.75
C SER B 210 14.23 0.14 -12.21
N LEU B 211 13.08 0.66 -12.65
CA LEU B 211 11.94 -0.14 -13.08
C LEU B 211 12.17 -1.02 -14.29
N LYS B 212 11.56 -2.21 -14.28
CA LYS B 212 11.56 -3.16 -15.39
C LYS B 212 10.11 -3.33 -15.84
N ALA B 213 9.86 -3.73 -17.12
CA ALA B 213 8.51 -3.99 -17.62
C ALA B 213 7.81 -5.07 -16.80
N SER B 214 8.57 -6.02 -16.22
CA SER B 214 8.03 -7.07 -15.36
C SER B 214 7.56 -6.53 -13.96
N ASP B 215 7.76 -5.23 -13.69
CA ASP B 215 7.27 -4.60 -12.44
C ASP B 215 5.83 -4.12 -12.64
N THR B 216 5.30 -4.28 -13.88
CA THR B 216 3.91 -3.93 -14.26
C THR B 216 2.96 -4.82 -13.43
N ALA B 217 2.17 -4.18 -12.55
CA ALA B 217 1.28 -4.88 -11.62
C ALA B 217 0.47 -3.89 -10.80
N MET B 218 -0.45 -4.44 -10.05
CA MET B 218 -1.22 -3.71 -9.09
C MET B 218 -0.48 -3.90 -7.76
N TYR B 219 -0.32 -2.81 -7.01
CA TYR B 219 0.37 -2.85 -5.70
C TYR B 219 -0.59 -2.39 -4.66
N TYR B 220 -0.79 -3.23 -3.62
CA TYR B 220 -1.66 -2.91 -2.47
C TYR B 220 -0.86 -2.68 -1.25
N CYS B 221 -1.29 -1.73 -0.44
CA CYS B 221 -0.78 -1.61 0.90
C CYS B 221 -1.95 -2.12 1.81
N ALA B 222 -1.59 -2.76 2.91
CA ALA B 222 -2.61 -3.29 3.82
C ALA B 222 -2.12 -3.24 5.24
N ARG B 223 -3.03 -2.98 6.19
CA ARG B 223 -2.71 -2.92 7.61
C ARG B 223 -2.70 -4.33 8.18
N VAL B 224 -1.75 -4.61 9.07
CA VAL B 224 -1.70 -5.91 9.72
C VAL B 224 -2.50 -5.75 11.02
N GLY B 225 -3.50 -6.60 11.22
CA GLY B 225 -4.34 -6.56 12.40
C GLY B 225 -3.59 -6.71 13.73
N SER B 226 -4.03 -5.96 14.72
CA SER B 226 -3.50 -6.05 16.10
C SER B 226 -4.71 -6.01 16.99
N GLY B 227 -4.78 -6.91 17.96
CA GLY B 227 -5.93 -6.96 18.87
C GLY B 227 -7.07 -7.67 18.17
N TRP B 228 -7.69 -6.99 17.21
CA TRP B 228 -8.71 -7.63 16.36
C TRP B 228 -7.97 -8.19 15.16
N TYR B 229 -8.32 -9.41 14.74
CA TYR B 229 -7.76 -10.06 13.54
C TYR B 229 -6.24 -9.94 13.56
N PRO B 230 -5.53 -10.31 14.68
CA PRO B 230 -4.07 -10.16 14.70
C PRO B 230 -3.40 -10.91 13.57
N TYR B 231 -2.33 -10.33 12.96
CA TYR B 231 -1.52 -10.94 11.89
C TYR B 231 -2.13 -11.07 10.50
N THR B 232 -3.40 -10.72 10.36
CA THR B 232 -4.10 -10.78 9.07
C THR B 232 -4.04 -9.39 8.48
N PHE B 233 -4.47 -9.24 7.22
CA PHE B 233 -4.57 -7.94 6.60
C PHE B 233 -5.99 -7.53 6.75
N ASP B 234 -6.26 -6.67 7.71
CA ASP B 234 -7.61 -6.28 8.04
C ASP B 234 -8.18 -5.08 7.31
N ILE B 235 -7.29 -4.20 6.82
CA ILE B 235 -7.64 -2.97 6.10
C ILE B 235 -6.76 -2.96 4.87
N TRP B 236 -7.31 -2.61 3.70
CA TRP B 236 -6.53 -2.53 2.45
C TRP B 236 -6.72 -1.20 1.78
N GLY B 237 -5.67 -0.69 1.13
CA GLY B 237 -5.78 0.49 0.29
C GLY B 237 -6.48 0.06 -0.98
N GLN B 238 -6.88 1.01 -1.84
CA GLN B 238 -7.61 0.69 -3.09
C GLN B 238 -6.69 0.14 -4.21
N GLY B 239 -5.38 0.22 -4.00
CA GLY B 239 -4.37 -0.26 -4.95
C GLY B 239 -3.85 0.84 -5.84
N THR B 240 -2.58 0.74 -6.22
CA THR B 240 -1.91 1.62 -7.21
C THR B 240 -1.52 0.71 -8.38
N MET B 241 -2.02 1.06 -9.57
CA MET B 241 -1.66 0.38 -10.77
C MET B 241 -0.35 1.00 -11.30
N VAL B 242 0.65 0.15 -11.55
CA VAL B 242 1.95 0.59 -12.11
C VAL B 242 2.15 -0.09 -13.49
N THR B 243 2.43 0.70 -14.54
CA THR B 243 2.75 0.20 -15.89
C THR B 243 4.13 0.67 -16.25
N VAL B 244 4.99 -0.28 -16.61
CA VAL B 244 6.34 0.03 -17.05
C VAL B 244 6.44 -0.36 -18.53
N SER B 245 6.64 0.63 -19.41
CA SER B 245 6.70 0.40 -20.86
C SER B 245 7.51 1.47 -21.56
N SER B 246 8.17 1.05 -22.65
CA SER B 246 8.97 1.93 -23.50
C SER B 246 8.04 2.76 -24.42
N ALA B 247 6.76 2.37 -24.51
CA ALA B 247 5.76 3.06 -25.33
C ALA B 247 5.52 4.47 -24.78
N SER B 248 5.06 5.36 -25.66
CA SER B 248 4.78 6.75 -25.35
C SER B 248 3.29 6.99 -25.46
N THR B 249 2.79 8.02 -24.76
CA THR B 249 1.38 8.41 -24.78
C THR B 249 0.87 8.58 -26.23
N LYS B 250 -0.30 8.02 -26.53
CA LYS B 250 -0.94 8.10 -27.83
C LYS B 250 -2.41 7.90 -27.65
N GLY B 251 -3.19 8.87 -28.12
CA GLY B 251 -4.65 8.80 -28.07
C GLY B 251 -5.15 7.80 -29.10
N PRO B 252 -6.33 7.20 -28.89
CA PRO B 252 -6.82 6.19 -29.85
C PRO B 252 -7.46 6.73 -31.12
N SER B 253 -7.64 5.82 -32.07
CA SER B 253 -8.38 5.97 -33.32
C SER B 253 -9.63 5.21 -33.00
N VAL B 254 -10.78 5.78 -33.29
CA VAL B 254 -12.06 5.13 -33.02
C VAL B 254 -12.67 4.73 -34.37
N PHE B 255 -13.02 3.46 -34.54
CA PHE B 255 -13.56 2.97 -35.81
C PHE B 255 -14.89 2.32 -35.59
N PRO B 256 -15.86 2.52 -36.51
CA PRO B 256 -17.18 1.89 -36.30
C PRO B 256 -17.13 0.39 -36.60
N LEU B 257 -17.98 -0.35 -35.91
CA LEU B 257 -18.22 -1.77 -36.13
C LEU B 257 -19.68 -1.72 -36.59
N ALA B 258 -19.84 -1.38 -37.88
CA ALA B 258 -21.11 -1.13 -38.57
C ALA B 258 -22.02 -2.36 -38.58
N PRO B 259 -23.30 -2.19 -38.18
CA PRO B 259 -24.22 -3.34 -38.14
C PRO B 259 -24.47 -3.98 -39.50
N SER B 260 -24.65 -5.31 -39.46
CA SER B 260 -24.95 -6.26 -40.54
C SER B 260 -24.85 -5.72 -41.99
N GLY B 268 -34.39 -9.69 -36.13
CA GLY B 268 -34.32 -9.94 -34.69
C GLY B 268 -33.37 -9.00 -33.96
N THR B 269 -32.14 -9.49 -33.68
CA THR B 269 -31.10 -8.74 -32.95
C THR B 269 -29.92 -8.36 -33.85
N ALA B 270 -29.48 -7.10 -33.76
CA ALA B 270 -28.33 -6.62 -34.51
C ALA B 270 -27.18 -6.28 -33.55
N ALA B 271 -25.93 -6.40 -34.00
CA ALA B 271 -24.76 -6.00 -33.21
C ALA B 271 -24.03 -4.91 -33.93
N LEU B 272 -23.60 -3.93 -33.15
CA LEU B 272 -22.84 -2.80 -33.63
C LEU B 272 -21.83 -2.42 -32.55
N GLY B 273 -20.81 -1.67 -32.93
CA GLY B 273 -19.83 -1.28 -31.94
C GLY B 273 -18.80 -0.29 -32.40
N CYS B 274 -17.81 -0.10 -31.54
CA CYS B 274 -16.69 0.77 -31.84
C CYS B 274 -15.44 0.00 -31.56
N LEU B 275 -14.44 0.25 -32.37
CA LEU B 275 -13.12 -0.29 -32.19
C LEU B 275 -12.23 0.88 -31.77
N VAL B 276 -11.72 0.85 -30.52
CA VAL B 276 -10.86 1.88 -29.95
C VAL B 276 -9.42 1.36 -30.09
N LYS B 277 -8.71 1.84 -31.10
CA LYS B 277 -7.42 1.29 -31.48
C LYS B 277 -6.22 2.17 -31.29
N ASP B 278 -5.08 1.52 -30.97
CA ASP B 278 -3.74 2.09 -30.89
C ASP B 278 -3.59 3.25 -29.90
N TYR B 279 -3.90 2.98 -28.63
CA TYR B 279 -3.72 3.98 -27.59
C TYR B 279 -2.73 3.50 -26.52
N PHE B 280 -2.18 4.44 -25.78
CA PHE B 280 -1.28 4.19 -24.67
C PHE B 280 -1.26 5.40 -23.73
N PRO B 281 -1.38 5.21 -22.41
CA PRO B 281 -1.56 3.92 -21.70
C PRO B 281 -3.03 3.61 -21.46
N GLU B 282 -3.31 2.55 -20.72
CA GLU B 282 -4.62 2.28 -20.19
C GLU B 282 -4.88 3.38 -19.09
N PRO B 283 -6.13 3.80 -18.80
CA PRO B 283 -7.39 3.28 -19.31
C PRO B 283 -8.05 4.20 -20.34
N VAL B 284 -9.09 3.67 -20.96
CA VAL B 284 -9.95 4.38 -21.87
C VAL B 284 -11.36 4.11 -21.33
N THR B 285 -12.24 5.10 -21.34
CA THR B 285 -13.63 4.82 -20.93
C THR B 285 -14.52 4.85 -22.18
N VAL B 286 -15.51 3.94 -22.25
CA VAL B 286 -16.44 3.88 -23.38
C VAL B 286 -17.85 3.87 -22.84
N SER B 287 -18.67 4.80 -23.37
CA SER B 287 -20.08 4.99 -23.06
C SER B 287 -20.86 4.89 -24.38
N TRP B 288 -22.15 4.52 -24.31
CA TRP B 288 -23.02 4.50 -25.48
C TRP B 288 -24.14 5.49 -25.27
N ASN B 289 -24.36 6.38 -26.25
CA ASN B 289 -25.40 7.42 -26.25
C ASN B 289 -25.38 8.31 -25.00
N SER B 290 -24.19 8.81 -24.61
CA SER B 290 -23.95 9.66 -23.42
C SER B 290 -24.50 9.07 -22.11
N GLY B 291 -24.49 7.74 -22.01
CA GLY B 291 -24.94 7.00 -20.83
C GLY B 291 -26.35 6.44 -20.88
N ALA B 292 -27.16 6.87 -21.88
CA ALA B 292 -28.55 6.47 -22.10
C ALA B 292 -28.68 4.99 -22.47
N LEU B 293 -27.68 4.44 -23.18
CA LEU B 293 -27.70 3.04 -23.62
C LEU B 293 -26.76 2.22 -22.76
N THR B 294 -27.29 1.26 -21.99
CA THR B 294 -26.45 0.41 -21.13
C THR B 294 -26.79 -1.08 -21.29
N SER B 295 -28.08 -1.38 -21.56
CA SER B 295 -28.57 -2.74 -21.72
C SER B 295 -28.00 -3.36 -23.00
N GLY B 296 -27.36 -4.52 -22.85
CA GLY B 296 -26.76 -5.24 -23.97
C GLY B 296 -25.37 -4.76 -24.39
N VAL B 297 -24.77 -3.82 -23.64
CA VAL B 297 -23.44 -3.26 -23.91
C VAL B 297 -22.37 -4.22 -23.40
N HIS B 298 -21.31 -4.41 -24.19
CA HIS B 298 -20.13 -5.18 -23.80
C HIS B 298 -18.87 -4.43 -24.18
N THR B 299 -18.21 -3.84 -23.17
CA THR B 299 -16.93 -3.16 -23.36
C THR B 299 -15.92 -4.20 -22.88
N PHE B 300 -15.06 -4.63 -23.80
CA PHE B 300 -14.14 -5.73 -23.53
C PHE B 300 -12.87 -5.26 -22.89
N PRO B 301 -12.12 -6.17 -22.20
CA PRO B 301 -10.77 -5.78 -21.72
C PRO B 301 -9.89 -5.45 -22.92
N ALA B 302 -8.94 -4.53 -22.76
CA ALA B 302 -8.07 -4.18 -23.87
C ALA B 302 -7.05 -5.28 -24.09
N VAL B 303 -6.47 -5.32 -25.28
CA VAL B 303 -5.40 -6.25 -25.56
C VAL B 303 -4.21 -5.40 -25.86
N LEU B 304 -3.04 -5.89 -25.50
CA LEU B 304 -1.82 -5.19 -25.76
C LEU B 304 -1.22 -5.82 -27.00
N GLN B 305 -0.96 -5.00 -27.99
CA GLN B 305 -0.39 -5.42 -29.27
C GLN B 305 1.16 -5.46 -29.18
N SER B 306 1.81 -6.07 -30.19
CA SER B 306 3.28 -6.16 -30.29
C SER B 306 3.90 -4.79 -30.38
N SER B 307 3.16 -3.81 -30.92
CA SER B 307 3.61 -2.42 -31.02
C SER B 307 3.77 -1.76 -29.66
N GLY B 308 3.13 -2.31 -28.63
CA GLY B 308 3.14 -1.72 -27.29
C GLY B 308 1.93 -0.81 -27.09
N LEU B 309 1.03 -0.77 -28.09
CA LEU B 309 -0.21 0.00 -27.96
C LEU B 309 -1.38 -0.92 -27.64
N TYR B 310 -2.38 -0.40 -26.94
CA TYR B 310 -3.56 -1.18 -26.59
C TYR B 310 -4.67 -1.05 -27.67
N SER B 311 -5.62 -1.96 -27.63
CA SER B 311 -6.75 -1.90 -28.53
C SER B 311 -7.93 -2.52 -27.84
N LEU B 312 -9.08 -1.84 -27.90
CA LEU B 312 -10.31 -2.39 -27.33
C LEU B 312 -11.55 -2.23 -28.21
N SER B 313 -12.55 -3.06 -27.96
CA SER B 313 -13.82 -2.95 -28.67
C SER B 313 -14.95 -2.83 -27.65
N SER B 314 -15.97 -2.08 -28.02
CA SER B 314 -17.19 -1.92 -27.24
C SER B 314 -18.32 -2.24 -28.20
N VAL B 315 -19.16 -3.20 -27.85
CA VAL B 315 -20.26 -3.65 -28.70
C VAL B 315 -21.60 -3.50 -27.97
N VAL B 316 -22.71 -3.48 -28.71
CA VAL B 316 -24.09 -3.42 -28.21
C VAL B 316 -24.96 -4.25 -29.15
N THR B 317 -25.89 -5.02 -28.59
CA THR B 317 -26.88 -5.76 -29.37
C THR B 317 -28.18 -4.99 -29.19
N VAL B 318 -28.79 -4.60 -30.31
CA VAL B 318 -30.01 -3.78 -30.33
C VAL B 318 -31.10 -4.41 -31.25
N PRO B 319 -32.40 -4.00 -31.14
CA PRO B 319 -33.42 -4.52 -32.07
C PRO B 319 -33.11 -4.10 -33.50
N SER B 320 -33.16 -5.04 -34.45
CA SER B 320 -32.87 -4.80 -35.85
C SER B 320 -33.78 -3.72 -36.49
N SER B 321 -34.99 -3.52 -35.91
CA SER B 321 -35.98 -2.51 -36.32
C SER B 321 -35.55 -1.08 -35.94
N SER B 322 -34.75 -0.94 -34.86
CA SER B 322 -34.23 0.34 -34.36
C SER B 322 -33.20 0.98 -35.29
N LEU B 323 -32.45 0.19 -36.08
CA LEU B 323 -31.45 0.71 -37.01
C LEU B 323 -32.19 1.56 -38.05
N GLY B 324 -31.62 2.70 -38.41
CA GLY B 324 -32.26 3.61 -39.35
C GLY B 324 -33.09 4.67 -38.66
N THR B 325 -33.73 4.30 -37.52
CA THR B 325 -34.50 5.22 -36.68
C THR B 325 -33.60 5.72 -35.51
N GLN B 326 -33.19 4.81 -34.60
CA GLN B 326 -32.34 5.08 -33.43
C GLN B 326 -30.86 5.39 -33.75
N THR B 327 -30.35 6.53 -33.24
CA THR B 327 -28.94 6.92 -33.39
C THR B 327 -28.13 6.21 -32.33
N TYR B 328 -26.93 5.73 -32.71
CA TYR B 328 -26.01 5.03 -31.82
C TYR B 328 -24.66 5.71 -31.91
N ILE B 329 -24.18 6.26 -30.78
CA ILE B 329 -22.90 6.96 -30.66
C ILE B 329 -22.11 6.34 -29.51
N CYS B 330 -20.83 6.04 -29.72
CA CYS B 330 -20.00 5.59 -28.63
C CYS B 330 -19.14 6.77 -28.19
N ASN B 331 -19.12 7.03 -26.89
CA ASN B 331 -18.34 8.14 -26.34
C ASN B 331 -17.07 7.59 -25.75
N VAL B 332 -15.96 7.90 -26.38
CA VAL B 332 -14.65 7.41 -26.00
C VAL B 332 -13.87 8.52 -25.33
N ASN B 333 -13.29 8.22 -24.15
CA ASN B 333 -12.45 9.16 -23.42
C ASN B 333 -11.11 8.50 -23.00
N HIS B 334 -10.01 9.06 -23.49
CA HIS B 334 -8.66 8.63 -23.12
C HIS B 334 -8.03 9.81 -22.38
N LYS B 335 -8.29 9.91 -21.07
CA LYS B 335 -7.76 11.01 -20.24
C LYS B 335 -6.25 11.18 -20.31
N PRO B 336 -5.42 10.09 -20.27
CA PRO B 336 -3.96 10.30 -20.39
C PRO B 336 -3.49 11.14 -21.56
N SER B 337 -4.17 11.09 -22.73
CA SER B 337 -3.72 11.89 -23.87
C SER B 337 -4.69 13.03 -24.14
N ASN B 338 -5.74 13.17 -23.30
CA ASN B 338 -6.81 14.20 -23.45
C ASN B 338 -7.48 14.03 -24.82
N THR B 339 -7.92 12.79 -25.13
CA THR B 339 -8.58 12.47 -26.40
C THR B 339 -9.98 12.02 -26.10
N LYS B 340 -10.95 12.83 -26.50
CA LYS B 340 -12.38 12.54 -26.33
C LYS B 340 -12.97 12.46 -27.75
N VAL B 341 -13.66 11.35 -28.06
CA VAL B 341 -14.25 11.14 -29.39
C VAL B 341 -15.67 10.61 -29.22
N ASP B 342 -16.63 11.22 -29.96
CA ASP B 342 -18.01 10.74 -30.08
C ASP B 342 -18.10 10.25 -31.53
N LYS B 343 -18.33 8.94 -31.71
CA LYS B 343 -18.37 8.30 -33.01
C LYS B 343 -19.75 7.76 -33.24
N LYS B 344 -20.43 8.27 -34.28
CA LYS B 344 -21.75 7.72 -34.63
C LYS B 344 -21.51 6.42 -35.40
N VAL B 345 -22.26 5.37 -35.05
CA VAL B 345 -22.16 4.06 -35.66
C VAL B 345 -23.47 3.79 -36.42
N GLU B 346 -23.40 3.70 -37.73
CA GLU B 346 -24.61 3.48 -38.53
C GLU B 346 -24.44 2.40 -39.61
N PRO B 347 -25.56 1.74 -40.07
CA PRO B 347 -25.44 0.76 -41.17
C PRO B 347 -24.71 1.35 -42.39
N LYS B 348 -23.69 0.65 -42.91
CA LYS B 348 -22.91 1.12 -44.06
C LYS B 348 -23.73 1.08 -45.36
N ASP C 1 20.98 23.41 -10.87
CA ASP C 1 21.40 23.09 -9.51
C ASP C 1 22.29 21.85 -9.50
N ILE C 2 23.09 21.62 -8.43
CA ILE C 2 23.93 20.44 -8.30
C ILE C 2 23.01 19.34 -7.76
N VAL C 3 23.15 18.13 -8.33
CA VAL C 3 22.35 16.99 -7.97
C VAL C 3 23.25 16.04 -7.23
N MET C 4 22.89 15.70 -5.98
CA MET C 4 23.62 14.75 -5.16
C MET C 4 22.83 13.45 -5.31
N THR C 5 23.49 12.36 -5.74
CA THR C 5 22.84 11.06 -5.94
C THR C 5 23.42 10.03 -5.00
N GLN C 6 22.56 9.48 -4.13
CA GLN C 6 22.98 8.49 -3.15
C GLN C 6 22.65 7.10 -3.61
N SER C 7 23.51 6.14 -3.27
CA SER C 7 23.26 4.76 -3.60
C SER C 7 23.94 3.85 -2.57
N PRO C 8 23.36 2.68 -2.24
CA PRO C 8 22.06 2.18 -2.74
C PRO C 8 20.91 2.89 -1.98
N ASP C 9 19.66 2.54 -2.25
CA ASP C 9 18.54 3.14 -1.52
C ASP C 9 18.46 2.54 -0.13
N SER C 10 18.90 1.28 0.01
CA SER C 10 18.86 0.55 1.27
C SER C 10 20.03 -0.41 1.35
N LEU C 11 20.70 -0.46 2.51
CA LEU C 11 21.84 -1.36 2.68
C LEU C 11 21.64 -2.20 3.91
N ALA C 12 21.82 -3.53 3.75
CA ALA C 12 21.73 -4.49 4.86
C ALA C 12 23.12 -5.08 5.15
N VAL C 13 23.65 -4.80 6.34
CA VAL C 13 24.95 -5.32 6.78
C VAL C 13 24.77 -5.94 8.16
N SER C 14 25.51 -7.03 8.45
CA SER C 14 25.42 -7.73 9.74
C SER C 14 26.06 -6.88 10.83
N LEU C 15 25.63 -7.05 12.09
CA LEU C 15 26.22 -6.28 13.20
C LEU C 15 27.73 -6.55 13.32
N GLY C 16 28.47 -5.49 13.65
CA GLY C 16 29.91 -5.52 13.76
C GLY C 16 30.63 -5.50 12.42
N GLU C 17 29.87 -5.40 11.31
CA GLU C 17 30.40 -5.39 9.95
C GLU C 17 30.52 -3.99 9.37
N ARG C 18 31.22 -3.87 8.24
CA ARG C 18 31.49 -2.61 7.57
C ARG C 18 30.36 -2.22 6.63
N ALA C 19 29.81 -1.00 6.81
CA ALA C 19 28.77 -0.47 5.93
C ALA C 19 29.34 0.74 5.20
N THR C 20 29.35 0.69 3.87
CA THR C 20 29.87 1.74 3.00
C THR C 20 28.73 2.24 2.15
N ILE C 21 28.59 3.55 2.07
CA ILE C 21 27.50 4.19 1.36
C ILE C 21 28.06 5.28 0.47
N ASN C 22 27.48 5.45 -0.74
CA ASN C 22 28.00 6.33 -1.77
C ASN C 22 27.15 7.53 -2.08
N CYS C 23 27.81 8.59 -2.50
CA CYS C 23 27.20 9.84 -2.91
C CYS C 23 27.98 10.36 -4.09
N LYS C 24 27.27 10.65 -5.20
CA LYS C 24 27.88 11.21 -6.39
C LYS C 24 27.28 12.57 -6.67
N ALA C 25 28.13 13.57 -6.78
CA ALA C 25 27.73 14.94 -7.12
C ALA C 25 27.72 15.02 -8.66
N SER C 26 26.73 15.75 -9.23
CA SER C 26 26.56 15.88 -10.68
C SER C 26 27.62 16.78 -11.34
N GLN C 27 28.27 17.66 -10.54
CA GLN C 27 29.35 18.60 -10.91
C GLN C 27 30.29 18.52 -9.74
N SER C 28 31.50 19.06 -9.90
CA SER C 28 32.53 19.15 -8.86
C SER C 28 31.96 19.99 -7.71
N VAL C 29 32.17 19.55 -6.47
CA VAL C 29 31.68 20.27 -5.31
C VAL C 29 32.85 20.50 -4.36
N SER C 30 34.08 20.21 -4.85
CA SER C 30 35.35 20.24 -4.13
C SER C 30 35.24 19.26 -2.97
N ASN C 31 35.46 19.70 -1.72
CA ASN C 31 35.33 18.86 -0.55
C ASN C 31 34.16 19.35 0.34
N ASP C 32 33.25 20.19 -0.20
CA ASP C 32 32.13 20.78 0.54
C ASP C 32 30.88 19.87 0.70
N VAL C 33 31.11 18.70 1.22
CA VAL C 33 30.06 17.72 1.44
C VAL C 33 29.94 17.37 2.91
N ALA C 34 28.71 17.23 3.38
CA ALA C 34 28.45 16.80 4.76
C ALA C 34 27.57 15.55 4.72
N TRP C 35 27.64 14.74 5.79
CA TRP C 35 26.80 13.57 5.97
C TRP C 35 26.03 13.77 7.24
N TYR C 36 24.74 13.36 7.22
CA TYR C 36 23.83 13.45 8.36
C TYR C 36 23.18 12.15 8.60
N GLN C 37 22.86 11.89 9.84
CA GLN C 37 22.11 10.69 10.22
C GLN C 37 20.71 11.14 10.65
N GLN C 38 19.67 10.44 10.20
CA GLN C 38 18.32 10.76 10.65
C GLN C 38 17.53 9.51 11.09
N LYS C 39 16.93 9.62 12.26
CA LYS C 39 16.07 8.60 12.83
C LYS C 39 14.62 9.10 12.87
N PRO C 40 13.61 8.18 12.89
CA PRO C 40 12.22 8.61 12.90
C PRO C 40 11.85 9.54 14.05
N GLY C 41 11.14 10.63 13.74
CA GLY C 41 10.69 11.59 14.73
C GLY C 41 11.76 12.55 15.15
N GLN C 42 12.93 12.47 14.53
CA GLN C 42 14.03 13.34 14.94
C GLN C 42 14.55 14.15 13.75
N PRO C 43 15.18 15.32 14.00
CA PRO C 43 15.85 16.03 12.91
C PRO C 43 17.12 15.31 12.41
N PRO C 44 17.64 15.62 11.21
CA PRO C 44 18.97 15.11 10.84
C PRO C 44 20.08 15.55 11.86
N LYS C 45 21.06 14.68 12.12
CA LYS C 45 22.18 14.94 13.00
C LYS C 45 23.49 14.92 12.24
N LEU C 46 24.29 15.98 12.37
CA LEU C 46 25.56 16.10 11.65
C LEU C 46 26.58 15.02 12.07
N LEU C 47 27.15 14.34 11.09
CA LEU C 47 28.18 13.31 11.33
C LEU C 47 29.54 13.76 10.81
N ILE C 48 29.57 14.24 9.58
CA ILE C 48 30.81 14.57 8.85
C ILE C 48 30.64 15.92 8.17
N TYR C 49 31.71 16.73 8.13
CA TYR C 49 31.73 18.00 7.41
C TYR C 49 33.01 18.09 6.57
N TYR C 50 32.98 18.91 5.51
CA TYR C 50 34.10 19.04 4.54
C TYR C 50 34.61 17.64 4.13
N ALA C 51 33.68 16.75 3.74
CA ALA C 51 33.94 15.37 3.24
C ALA C 51 34.56 14.37 4.16
N SER C 52 35.48 14.77 5.02
CA SER C 52 36.27 13.86 5.86
C SER C 52 36.39 14.23 7.31
N ASN C 53 35.88 15.40 7.69
CA ASN C 53 36.01 15.83 9.08
C ASN C 53 34.86 15.32 9.98
N ARG C 54 35.19 14.46 10.97
CA ARG C 54 34.25 13.89 11.92
C ARG C 54 33.78 14.95 12.90
N TYR C 55 32.47 15.21 12.94
CA TYR C 55 31.85 16.19 13.82
C TYR C 55 32.09 15.81 15.29
N THR C 56 32.27 16.81 16.18
CA THR C 56 32.53 16.55 17.60
C THR C 56 31.43 15.75 18.23
N GLY C 57 31.84 14.70 18.96
CA GLY C 57 30.96 13.82 19.70
C GLY C 57 30.44 12.65 18.89
N VAL C 58 30.81 12.61 17.61
CA VAL C 58 30.39 11.53 16.71
C VAL C 58 31.33 10.32 16.97
N PRO C 59 30.82 9.08 17.18
CA PRO C 59 31.73 7.93 17.39
C PRO C 59 32.78 7.76 16.29
N ASP C 60 33.96 7.20 16.64
CA ASP C 60 35.09 6.97 15.71
C ASP C 60 34.82 5.98 14.56
N ARG C 61 33.72 5.21 14.65
CA ARG C 61 33.34 4.24 13.62
C ARG C 61 32.82 4.87 12.34
N PHE C 62 32.41 6.16 12.40
CA PHE C 62 31.94 6.92 11.24
C PHE C 62 33.12 7.63 10.61
N SER C 63 33.28 7.49 9.29
CA SER C 63 34.33 8.24 8.58
C SER C 63 33.84 8.58 7.19
N GLY C 64 34.29 9.71 6.70
CA GLY C 64 33.92 10.22 5.39
C GLY C 64 35.13 10.38 4.49
N SER C 65 34.95 10.12 3.21
CA SER C 65 36.03 10.25 2.23
C SER C 65 35.48 10.72 0.91
N GLY C 66 36.37 11.25 0.08
CA GLY C 66 36.03 11.71 -1.25
C GLY C 66 36.47 13.12 -1.51
N SER C 67 36.59 13.44 -2.80
CA SER C 67 36.95 14.79 -3.25
C SER C 67 36.46 15.00 -4.65
N GLY C 68 35.81 16.14 -4.84
CA GLY C 68 35.31 16.57 -6.13
C GLY C 68 33.95 16.04 -6.53
N THR C 69 33.88 14.74 -6.90
CA THR C 69 32.67 14.13 -7.42
C THR C 69 32.09 12.92 -6.66
N ASP C 70 32.95 11.98 -6.19
CA ASP C 70 32.53 10.77 -5.50
C ASP C 70 32.83 10.87 -4.03
N PHE C 71 31.80 10.64 -3.20
CA PHE C 71 31.92 10.72 -1.75
C PHE C 71 31.42 9.46 -1.08
N THR C 72 32.01 9.14 0.06
CA THR C 72 31.68 7.94 0.79
C THR C 72 31.58 8.19 2.29
N LEU C 73 30.63 7.48 2.94
CA LEU C 73 30.42 7.44 4.39
C LEU C 73 30.62 5.97 4.75
N THR C 74 31.47 5.69 5.74
CA THR C 74 31.77 4.34 6.19
C THR C 74 31.53 4.18 7.68
N ILE C 75 30.86 3.08 8.06
CA ILE C 75 30.64 2.68 9.45
C ILE C 75 31.52 1.42 9.49
N SER C 76 32.60 1.46 10.29
CA SER C 76 33.57 0.36 10.36
C SER C 76 33.01 -0.90 11.01
N SER C 77 32.19 -0.73 12.05
CA SER C 77 31.57 -1.83 12.76
C SER C 77 30.14 -1.42 13.08
N LEU C 78 29.16 -1.90 12.30
CA LEU C 78 27.76 -1.55 12.50
C LEU C 78 27.20 -1.93 13.87
N GLU C 79 26.60 -0.93 14.56
CA GLU C 79 25.90 -1.08 15.84
C GLU C 79 24.41 -0.96 15.57
N ALA C 80 23.57 -1.54 16.46
CA ALA C 80 22.11 -1.51 16.36
C ALA C 80 21.55 -0.06 16.26
N GLU C 81 22.19 0.86 16.99
CA GLU C 81 21.84 2.28 17.03
C GLU C 81 22.24 3.01 15.74
N ASP C 82 22.93 2.34 14.79
CA ASP C 82 23.31 2.98 13.53
C ASP C 82 22.25 2.79 12.46
N VAL C 83 21.17 2.04 12.80
CA VAL C 83 20.05 1.80 11.88
C VAL C 83 19.31 3.14 11.76
N ALA C 84 19.40 3.74 10.55
CA ALA C 84 18.88 5.09 10.29
C ALA C 84 18.96 5.40 8.82
N VAL C 85 18.51 6.59 8.45
CA VAL C 85 18.67 7.09 7.08
C VAL C 85 19.89 8.05 7.10
N TYR C 86 20.77 7.92 6.09
CA TYR C 86 21.98 8.75 5.96
C TYR C 86 21.88 9.57 4.73
N TYR C 87 22.06 10.90 4.87
CA TYR C 87 21.98 11.84 3.74
C TYR C 87 23.32 12.55 3.53
N CYS C 88 23.65 12.85 2.24
CA CYS C 88 24.81 13.69 1.91
C CYS C 88 24.22 15.02 1.50
N GLN C 89 25.03 16.07 1.56
CA GLN C 89 24.66 17.44 1.25
C GLN C 89 25.89 18.14 0.66
N GLN C 90 25.66 19.06 -0.28
CA GLN C 90 26.74 19.87 -0.85
C GLN C 90 26.45 21.32 -0.53
N ASP C 91 27.53 22.03 -0.24
CA ASP C 91 27.60 23.42 0.19
C ASP C 91 28.44 24.25 -0.84
N TYR C 92 28.96 23.56 -1.86
CA TYR C 92 29.84 24.18 -2.86
C TYR C 92 29.20 25.33 -3.56
N ASN C 93 27.96 25.17 -4.00
CA ASN C 93 27.25 26.25 -4.65
C ASN C 93 25.78 26.27 -4.30
N SER C 94 25.21 27.48 -4.26
CA SER C 94 23.81 27.71 -3.94
C SER C 94 22.91 27.49 -5.19
N PRO C 95 21.71 26.84 -5.07
CA PRO C 95 21.10 26.29 -3.85
C PRO C 95 21.82 25.06 -3.32
N TRP C 96 21.97 25.00 -2.00
CA TRP C 96 22.58 23.85 -1.31
C TRP C 96 21.64 22.66 -1.48
N THR C 97 22.21 21.49 -1.77
CA THR C 97 21.39 20.33 -2.08
C THR C 97 21.76 19.09 -1.32
N PHE C 98 20.77 18.21 -1.11
CA PHE C 98 20.88 16.95 -0.38
C PHE C 98 20.58 15.77 -1.29
N GLY C 99 21.16 14.63 -0.99
CA GLY C 99 20.85 13.39 -1.68
C GLY C 99 19.56 12.83 -1.13
N GLY C 100 19.06 11.80 -1.79
CA GLY C 100 17.79 11.15 -1.46
C GLY C 100 17.83 10.23 -0.27
N GLY C 101 19.02 9.90 0.21
CA GLY C 101 19.21 9.05 1.38
C GLY C 101 19.47 7.58 1.11
N THR C 102 20.13 6.94 2.07
CA THR C 102 20.36 5.51 2.09
C THR C 102 19.91 5.06 3.47
N LYS C 103 19.02 4.08 3.54
CA LYS C 103 18.62 3.50 4.80
C LYS C 103 19.63 2.38 5.14
N VAL C 104 20.21 2.36 6.34
CA VAL C 104 21.06 1.19 6.67
C VAL C 104 20.34 0.27 7.64
N GLU C 105 20.31 -1.01 7.31
CA GLU C 105 19.61 -2.07 8.05
C GLU C 105 20.56 -3.12 8.54
N ILE C 106 20.11 -3.91 9.52
CA ILE C 106 20.82 -5.08 10.04
C ILE C 106 20.40 -6.24 9.15
N LYS C 107 21.38 -6.96 8.58
CA LYS C 107 21.16 -8.14 7.74
C LYS C 107 20.66 -9.24 8.67
N ARG C 108 19.44 -9.68 8.42
CA ARG C 108 18.73 -10.68 9.20
C ARG C 108 19.21 -12.11 8.84
N THR C 109 19.04 -13.04 9.80
CA THR C 109 19.33 -14.47 9.64
C THR C 109 18.40 -15.00 8.54
N VAL C 110 19.00 -15.62 7.48
CA VAL C 110 18.28 -16.17 6.31
C VAL C 110 17.07 -17.03 6.72
N ALA C 111 15.87 -16.58 6.31
CA ALA C 111 14.58 -17.20 6.64
C ALA C 111 14.45 -18.65 6.19
N ALA C 112 13.69 -19.43 6.98
CA ALA C 112 13.36 -20.85 6.74
C ALA C 112 12.56 -20.95 5.43
N PRO C 113 12.62 -22.09 4.66
CA PRO C 113 11.85 -22.18 3.41
C PRO C 113 10.35 -21.94 3.61
N GLU C 114 9.77 -21.09 2.74
CA GLU C 114 8.36 -20.68 2.77
C GLU C 114 7.36 -21.84 2.73
N ILE C 115 6.31 -21.76 3.56
CA ILE C 115 5.23 -22.75 3.58
C ILE C 115 4.43 -22.52 2.29
N VAL C 116 4.18 -23.60 1.53
CA VAL C 116 3.47 -23.50 0.27
C VAL C 116 1.99 -23.78 0.49
N MET C 117 1.13 -22.85 0.08
CA MET C 117 -0.31 -23.03 0.22
C MET C 117 -0.86 -23.46 -1.11
N THR C 118 -1.61 -24.57 -1.12
CA THR C 118 -2.22 -25.10 -2.34
C THR C 118 -3.72 -25.05 -2.23
N GLN C 119 -4.35 -24.29 -3.12
CA GLN C 119 -5.79 -24.17 -3.19
C GLN C 119 -6.33 -25.02 -4.34
N SER C 120 -7.49 -25.64 -4.14
CA SER C 120 -8.15 -26.49 -5.14
C SER C 120 -9.68 -26.44 -5.01
N PRO C 121 -10.43 -26.48 -6.14
CA PRO C 121 -9.95 -26.49 -7.55
C PRO C 121 -9.52 -25.07 -7.95
N ALA C 122 -8.94 -24.85 -9.16
CA ALA C 122 -8.58 -23.48 -9.58
C ALA C 122 -9.86 -22.66 -9.85
N THR C 123 -10.88 -23.30 -10.46
CA THR C 123 -12.19 -22.70 -10.73
C THR C 123 -13.28 -23.61 -10.19
N LEU C 124 -14.38 -23.01 -9.78
CA LEU C 124 -15.51 -23.71 -9.24
C LEU C 124 -16.75 -23.10 -9.87
N SER C 125 -17.59 -23.96 -10.49
CA SER C 125 -18.85 -23.57 -11.11
C SER C 125 -19.91 -24.17 -10.23
N VAL C 126 -20.71 -23.31 -9.60
CA VAL C 126 -21.75 -23.68 -8.64
C VAL C 126 -22.94 -22.79 -8.90
N SER C 127 -24.16 -23.33 -8.71
CA SER C 127 -25.43 -22.65 -8.93
C SER C 127 -25.87 -21.74 -7.77
N PRO C 128 -26.55 -20.60 -8.04
CA PRO C 128 -27.06 -19.77 -6.93
C PRO C 128 -28.03 -20.58 -6.07
N GLY C 129 -27.86 -20.49 -4.74
CA GLY C 129 -28.66 -21.24 -3.78
C GLY C 129 -27.97 -22.49 -3.31
N GLU C 130 -26.99 -22.99 -4.10
CA GLU C 130 -26.21 -24.18 -3.75
C GLU C 130 -25.05 -23.87 -2.77
N ARG C 131 -24.20 -24.89 -2.51
CA ARG C 131 -23.10 -24.85 -1.58
C ARG C 131 -21.77 -25.07 -2.28
N ALA C 132 -20.76 -24.21 -1.97
CA ALA C 132 -19.41 -24.34 -2.54
C ALA C 132 -18.42 -24.75 -1.46
N THR C 133 -17.53 -25.66 -1.78
CA THR C 133 -16.52 -26.17 -0.87
C THR C 133 -15.14 -25.92 -1.46
N LEU C 134 -14.46 -24.92 -0.88
CA LEU C 134 -13.14 -24.46 -1.33
C LEU C 134 -12.13 -25.08 -0.42
N SER C 135 -11.09 -25.68 -1.03
CA SER C 135 -10.06 -26.39 -0.30
C SER C 135 -8.74 -25.63 -0.24
N CYS C 136 -8.04 -25.81 0.87
CA CYS C 136 -6.73 -25.21 1.09
C CYS C 136 -5.83 -26.20 1.81
N ARG C 137 -4.61 -26.37 1.29
CA ARG C 137 -3.60 -27.28 1.82
C ARG C 137 -2.29 -26.54 2.10
N ALA C 138 -1.72 -26.73 3.30
CA ALA C 138 -0.44 -26.17 3.69
C ALA C 138 0.63 -27.26 3.60
N SER C 139 1.84 -26.92 3.11
CA SER C 139 2.98 -27.84 2.92
C SER C 139 3.61 -28.37 4.22
N GLU C 140 3.15 -27.86 5.37
CA GLU C 140 3.49 -28.23 6.74
C GLU C 140 2.41 -27.70 7.66
N SER C 141 2.37 -28.16 8.92
CA SER C 141 1.37 -27.74 9.89
C SER C 141 1.47 -26.24 10.23
N ILE C 142 0.33 -25.54 10.11
CA ILE C 142 0.20 -24.11 10.41
C ILE C 142 -0.80 -23.90 11.55
N SER C 143 -1.17 -25.00 12.23
CA SER C 143 -2.18 -25.03 13.30
C SER C 143 -3.49 -24.43 12.78
N SER C 144 -4.00 -23.40 13.43
CA SER C 144 -5.19 -22.71 13.00
C SER C 144 -4.81 -21.31 12.42
N ASN C 145 -3.51 -21.10 12.07
CA ASN C 145 -3.00 -19.81 11.59
C ASN C 145 -3.26 -19.57 10.12
N LEU C 146 -4.53 -19.46 9.77
CA LEU C 146 -4.95 -19.30 8.41
C LEU C 146 -6.07 -18.28 8.29
N ALA C 147 -6.01 -17.49 7.23
CA ALA C 147 -7.05 -16.50 6.91
C ALA C 147 -7.60 -16.76 5.50
N TRP C 148 -8.83 -16.32 5.25
CA TRP C 148 -9.48 -16.41 3.94
C TRP C 148 -9.87 -14.99 3.56
N TYR C 149 -9.58 -14.63 2.29
CA TYR C 149 -9.91 -13.34 1.71
C TYR C 149 -10.72 -13.58 0.46
N GLN C 150 -11.67 -12.67 0.21
CA GLN C 150 -12.44 -12.64 -1.02
C GLN C 150 -11.91 -11.46 -1.84
N GLN C 151 -11.82 -11.61 -3.16
CA GLN C 151 -11.45 -10.52 -4.08
C GLN C 151 -12.35 -10.48 -5.32
N LYS C 152 -13.04 -9.36 -5.52
CA LYS C 152 -13.90 -9.11 -6.67
C LYS C 152 -13.15 -8.28 -7.73
N PRO C 153 -13.50 -8.43 -9.04
CA PRO C 153 -12.81 -7.67 -10.09
C PRO C 153 -12.69 -6.16 -9.87
N GLY C 154 -11.47 -5.66 -10.02
CA GLY C 154 -11.14 -4.26 -9.81
C GLY C 154 -11.19 -3.83 -8.36
N GLN C 155 -11.10 -4.77 -7.41
CA GLN C 155 -11.16 -4.40 -6.00
C GLN C 155 -10.05 -5.08 -5.25
N ALA C 156 -9.72 -4.52 -4.08
CA ALA C 156 -8.73 -5.08 -3.17
C ALA C 156 -9.36 -6.29 -2.49
N PRO C 157 -8.53 -7.27 -2.06
CA PRO C 157 -9.07 -8.37 -1.24
C PRO C 157 -9.70 -7.83 0.04
N ARG C 158 -10.57 -8.64 0.70
CA ARG C 158 -11.18 -8.30 1.97
C ARG C 158 -11.15 -9.55 2.85
N LEU C 159 -10.79 -9.37 4.12
CA LEU C 159 -10.72 -10.45 5.09
C LEU C 159 -12.13 -11.01 5.38
N PHE C 160 -12.27 -12.33 5.24
CA PHE C 160 -13.52 -13.04 5.51
C PHE C 160 -13.42 -13.93 6.74
N ILE C 161 -12.37 -14.75 6.80
CA ILE C 161 -12.11 -15.68 7.88
C ILE C 161 -10.69 -15.51 8.42
N TYR C 162 -10.54 -15.55 9.74
CA TYR C 162 -9.24 -15.50 10.42
C TYR C 162 -9.18 -16.64 11.45
N THR C 163 -7.97 -17.07 11.80
CA THR C 163 -7.75 -18.18 12.71
C THR C 163 -8.51 -19.45 12.24
N ALA C 164 -8.47 -19.70 10.92
CA ALA C 164 -9.08 -20.82 10.19
C ALA C 164 -10.59 -20.94 10.21
N SER C 165 -11.24 -20.58 11.34
CA SER C 165 -12.68 -20.76 11.48
C SER C 165 -13.51 -19.60 12.02
N THR C 166 -12.93 -18.41 12.27
CA THR C 166 -13.71 -17.29 12.80
C THR C 166 -13.97 -16.26 11.70
N ARG C 167 -15.22 -15.82 11.57
CA ARG C 167 -15.63 -14.82 10.60
C ARG C 167 -15.21 -13.43 11.02
N ALA C 168 -14.83 -12.59 10.03
CA ALA C 168 -14.41 -11.20 10.23
C ALA C 168 -15.66 -10.29 10.37
N THR C 169 -15.51 -8.96 10.19
CA THR C 169 -16.58 -7.96 10.30
C THR C 169 -17.63 -8.07 9.19
N ASP C 170 -18.91 -8.20 9.59
CA ASP C 170 -20.09 -8.29 8.73
C ASP C 170 -20.02 -9.41 7.67
N ILE C 171 -19.37 -10.53 8.01
CA ILE C 171 -19.26 -11.68 7.13
C ILE C 171 -20.53 -12.54 7.39
N PRO C 172 -21.35 -12.81 6.32
CA PRO C 172 -22.57 -13.59 6.51
C PRO C 172 -22.34 -14.95 7.11
N ALA C 173 -23.31 -15.43 7.91
CA ALA C 173 -23.25 -16.75 8.55
C ALA C 173 -23.11 -17.88 7.53
N ARG C 174 -23.58 -17.67 6.26
CA ARG C 174 -23.48 -18.66 5.19
C ARG C 174 -22.04 -19.09 4.90
N PHE C 175 -21.07 -18.20 5.21
CA PHE C 175 -19.65 -18.44 5.06
C PHE C 175 -19.18 -19.16 6.31
N SER C 176 -18.44 -20.25 6.14
CA SER C 176 -17.96 -20.99 7.27
C SER C 176 -16.61 -21.60 6.97
N GLY C 177 -15.63 -21.28 7.80
CA GLY C 177 -14.29 -21.82 7.65
C GLY C 177 -14.06 -22.94 8.63
N SER C 178 -13.18 -23.88 8.28
CA SER C 178 -12.84 -25.00 9.18
C SER C 178 -11.50 -25.58 8.82
N GLY C 179 -10.92 -26.34 9.75
CA GLY C 179 -9.63 -26.98 9.55
C GLY C 179 -8.62 -26.59 10.61
N SER C 180 -7.54 -27.38 10.68
CA SER C 180 -6.42 -27.26 11.61
C SER C 180 -5.26 -28.04 11.03
N GLY C 181 -4.05 -27.64 11.38
CA GLY C 181 -2.84 -28.29 10.91
C GLY C 181 -2.51 -28.10 9.44
N THR C 182 -2.99 -29.03 8.60
CA THR C 182 -2.64 -29.04 7.17
C THR C 182 -3.77 -28.88 6.16
N GLU C 183 -5.01 -29.29 6.50
CA GLU C 183 -6.12 -29.21 5.56
C GLU C 183 -7.17 -28.21 5.99
N PHE C 184 -7.56 -27.32 5.07
CA PHE C 184 -8.50 -26.23 5.36
C PHE C 184 -9.61 -26.13 4.35
N THR C 185 -10.77 -25.67 4.80
CA THR C 185 -11.93 -25.59 3.94
C THR C 185 -12.75 -24.34 4.22
N LEU C 186 -13.21 -23.69 3.16
CA LEU C 186 -14.14 -22.57 3.26
C LEU C 186 -15.43 -23.05 2.61
N THR C 187 -16.52 -23.12 3.39
CA THR C 187 -17.81 -23.59 2.87
C THR C 187 -18.75 -22.41 2.78
N ILE C 188 -19.31 -22.22 1.59
CA ILE C 188 -20.26 -21.13 1.35
C ILE C 188 -21.59 -21.82 1.00
N SER C 189 -22.53 -21.81 1.95
CA SER C 189 -23.86 -22.38 1.79
C SER C 189 -24.76 -21.33 1.16
N SER C 190 -25.87 -21.75 0.52
CA SER C 190 -26.88 -20.88 -0.10
C SER C 190 -26.25 -19.69 -0.84
N LEU C 191 -25.38 -19.98 -1.83
CA LEU C 191 -24.68 -18.97 -2.61
C LEU C 191 -25.57 -17.89 -3.16
N GLN C 192 -25.18 -16.63 -2.89
CA GLN C 192 -25.87 -15.44 -3.36
C GLN C 192 -25.00 -14.85 -4.46
N SER C 193 -25.55 -13.96 -5.29
CA SER C 193 -24.82 -13.36 -6.41
C SER C 193 -23.50 -12.69 -5.98
N GLU C 194 -23.51 -11.97 -4.85
CA GLU C 194 -22.33 -11.28 -4.34
C GLU C 194 -21.15 -12.18 -3.91
N ASP C 195 -21.40 -13.49 -3.72
CA ASP C 195 -20.41 -14.45 -3.26
C ASP C 195 -19.50 -15.01 -4.32
N PHE C 196 -19.88 -14.82 -5.59
CA PHE C 196 -19.09 -15.27 -6.73
C PHE C 196 -17.92 -14.31 -6.90
N ALA C 197 -16.68 -14.81 -6.71
CA ALA C 197 -15.44 -14.04 -6.70
C ALA C 197 -14.26 -14.99 -6.60
N VAL C 198 -13.03 -14.44 -6.41
CA VAL C 198 -11.80 -15.22 -6.21
C VAL C 198 -11.55 -15.23 -4.70
N TYR C 199 -11.08 -16.36 -4.15
CA TYR C 199 -10.82 -16.49 -2.73
C TYR C 199 -9.42 -16.95 -2.53
N TYR C 200 -8.70 -16.27 -1.62
CA TYR C 200 -7.32 -16.62 -1.33
C TYR C 200 -7.21 -17.01 0.10
N CYS C 201 -6.36 -18.00 0.36
CA CYS C 201 -6.07 -18.36 1.73
C CYS C 201 -4.67 -17.77 2.02
N GLN C 202 -4.36 -17.53 3.29
CA GLN C 202 -3.06 -16.98 3.67
C GLN C 202 -2.61 -17.62 4.97
N GLN C 203 -1.41 -18.22 5.01
CA GLN C 203 -0.91 -18.74 6.29
C GLN C 203 -0.08 -17.65 7.02
N TYR C 204 -0.19 -17.62 8.34
CA TYR C 204 0.60 -16.72 9.18
C TYR C 204 1.12 -17.47 10.40
N ASN C 205 1.63 -18.71 10.17
CA ASN C 205 2.14 -19.57 11.23
C ASN C 205 3.29 -18.97 12.00
N ASN C 206 4.28 -18.42 11.29
CA ASN C 206 5.41 -17.76 11.92
C ASN C 206 5.59 -16.37 11.29
N TRP C 207 4.64 -15.46 11.57
CA TRP C 207 4.64 -14.08 11.08
C TRP C 207 5.98 -13.43 11.47
N PRO C 208 6.69 -12.66 10.60
CA PRO C 208 6.30 -12.13 9.28
C PRO C 208 6.32 -13.02 8.05
N SER C 209 6.78 -14.26 8.18
CA SER C 209 6.88 -15.19 7.04
C SER C 209 5.51 -15.67 6.57
N ILE C 210 4.80 -14.81 5.82
CA ILE C 210 3.46 -15.13 5.33
C ILE C 210 3.49 -15.54 3.86
N THR C 211 2.54 -16.39 3.45
CA THR C 211 2.35 -16.82 2.06
C THR C 211 0.86 -16.96 1.79
N PHE C 212 0.48 -16.80 0.52
CA PHE C 212 -0.90 -16.95 0.05
C PHE C 212 -0.99 -18.14 -0.87
N GLY C 213 -2.20 -18.65 -1.04
CA GLY C 213 -2.50 -19.67 -2.04
C GLY C 213 -2.73 -18.96 -3.34
N GLN C 214 -2.73 -19.68 -4.47
CA GLN C 214 -2.90 -19.04 -5.78
C GLN C 214 -4.35 -18.70 -6.15
N GLY C 215 -5.27 -19.02 -5.23
CA GLY C 215 -6.68 -18.70 -5.33
C GLY C 215 -7.57 -19.68 -6.04
N THR C 216 -8.88 -19.55 -5.79
CA THR C 216 -9.93 -20.30 -6.49
C THR C 216 -11.00 -19.32 -6.91
N ARG C 217 -11.32 -19.34 -8.21
CA ARG C 217 -12.35 -18.47 -8.76
C ARG C 217 -13.67 -19.21 -8.70
N LEU C 218 -14.67 -18.57 -8.11
CA LEU C 218 -15.97 -19.16 -7.95
C LEU C 218 -16.92 -18.47 -8.91
N GLU C 219 -17.30 -19.19 -9.99
CA GLU C 219 -18.22 -18.67 -11.01
C GLU C 219 -19.61 -19.31 -11.00
N ILE C 220 -20.60 -18.57 -11.50
CA ILE C 220 -21.99 -18.98 -11.56
C ILE C 220 -22.17 -20.10 -12.56
N LYS C 221 -22.84 -21.18 -12.14
CA LYS C 221 -23.24 -22.32 -12.96
C LYS C 221 -24.63 -21.99 -13.43
N ARG C 222 -24.83 -22.06 -14.74
CA ARG C 222 -26.11 -21.82 -15.40
C ARG C 222 -26.23 -22.80 -16.59
N THR C 223 -27.38 -22.82 -17.26
CA THR C 223 -27.61 -23.73 -18.40
C THR C 223 -26.71 -23.33 -19.56
N VAL C 224 -26.29 -24.32 -20.38
CA VAL C 224 -25.49 -24.09 -21.58
C VAL C 224 -26.20 -23.07 -22.48
N ALA C 225 -25.46 -22.09 -23.01
CA ALA C 225 -26.02 -21.05 -23.87
C ALA C 225 -25.08 -20.86 -25.03
N ALA C 226 -25.57 -21.12 -26.24
CA ALA C 226 -24.76 -20.99 -27.45
C ALA C 226 -24.52 -19.49 -27.76
N PRO C 227 -23.33 -19.11 -28.28
CA PRO C 227 -23.11 -17.70 -28.60
C PRO C 227 -23.81 -17.24 -29.86
N SER C 228 -24.10 -15.96 -29.93
CA SER C 228 -24.60 -15.34 -31.15
C SER C 228 -23.31 -14.80 -31.75
N VAL C 229 -22.99 -15.20 -32.98
CA VAL C 229 -21.77 -14.82 -33.67
C VAL C 229 -22.04 -13.69 -34.65
N PHE C 230 -21.14 -12.68 -34.69
CA PHE C 230 -21.21 -11.55 -35.60
C PHE C 230 -19.81 -11.30 -36.08
N ILE C 231 -19.64 -11.01 -37.38
CA ILE C 231 -18.35 -10.66 -37.99
C ILE C 231 -18.42 -9.21 -38.49
N PHE C 232 -17.36 -8.43 -38.28
CA PHE C 232 -17.32 -7.05 -38.68
C PHE C 232 -16.17 -6.78 -39.62
N PRO C 233 -16.44 -6.31 -40.84
CA PRO C 233 -15.31 -5.98 -41.74
C PRO C 233 -14.59 -4.73 -41.28
N PRO C 234 -13.36 -4.42 -41.73
CA PRO C 234 -12.74 -3.15 -41.34
C PRO C 234 -13.51 -1.98 -41.96
N SER C 235 -13.53 -0.83 -41.30
CA SER C 235 -14.18 0.39 -41.78
C SER C 235 -13.31 0.98 -42.90
N ASP C 236 -13.88 1.84 -43.78
CA ASP C 236 -13.08 2.48 -44.84
C ASP C 236 -12.12 3.48 -44.25
N GLU C 237 -12.51 4.15 -43.13
CA GLU C 237 -11.68 5.11 -42.40
C GLU C 237 -10.33 4.49 -42.01
N GLN C 238 -10.37 3.28 -41.40
CA GLN C 238 -9.18 2.54 -40.99
C GLN C 238 -8.30 2.17 -42.18
N LEU C 239 -8.91 1.74 -43.29
CA LEU C 239 -8.16 1.37 -44.49
C LEU C 239 -7.17 2.42 -44.97
N LYS C 240 -7.52 3.71 -44.82
CA LYS C 240 -6.63 4.85 -45.16
C LYS C 240 -5.32 4.83 -44.33
N SER C 241 -5.36 4.23 -43.11
CA SER C 241 -4.21 4.11 -42.21
C SER C 241 -3.21 3.03 -42.63
N GLY C 242 -3.58 2.18 -43.59
CA GLY C 242 -2.73 1.11 -44.09
C GLY C 242 -2.82 -0.20 -43.32
N THR C 243 -3.83 -0.29 -42.44
CA THR C 243 -4.12 -1.44 -41.58
C THR C 243 -5.59 -1.76 -41.65
N ALA C 244 -5.90 -3.04 -41.51
CA ALA C 244 -7.26 -3.55 -41.51
C ALA C 244 -7.46 -4.45 -40.32
N SER C 245 -8.51 -4.16 -39.51
CA SER C 245 -8.90 -5.02 -38.39
C SER C 245 -10.23 -5.63 -38.72
N VAL C 246 -10.35 -6.92 -38.53
CA VAL C 246 -11.59 -7.64 -38.75
C VAL C 246 -11.97 -8.15 -37.39
N VAL C 247 -13.19 -7.86 -36.93
CA VAL C 247 -13.64 -8.24 -35.60
C VAL C 247 -14.72 -9.32 -35.65
N CYS C 248 -14.63 -10.32 -34.74
CA CYS C 248 -15.60 -11.40 -34.58
C CYS C 248 -16.14 -11.33 -33.14
N LEU C 249 -17.46 -11.20 -32.99
CA LEU C 249 -18.09 -11.15 -31.69
C LEU C 249 -18.85 -12.42 -31.36
N LEU C 250 -18.61 -12.97 -30.18
CA LEU C 250 -19.32 -14.14 -29.66
C LEU C 250 -20.08 -13.58 -28.50
N ASN C 251 -21.38 -13.37 -28.68
CA ASN C 251 -22.23 -12.72 -27.70
C ASN C 251 -23.03 -13.67 -26.82
N ASN C 252 -23.00 -13.43 -25.49
CA ASN C 252 -23.77 -14.10 -24.43
C ASN C 252 -23.85 -15.63 -24.43
N PHE C 253 -22.70 -16.28 -24.16
CA PHE C 253 -22.58 -17.73 -24.13
C PHE C 253 -22.22 -18.28 -22.76
N TYR C 254 -22.35 -19.61 -22.58
CA TYR C 254 -21.99 -20.33 -21.36
C TYR C 254 -21.76 -21.82 -21.69
N PRO C 255 -20.68 -22.53 -21.24
CA PRO C 255 -19.56 -22.10 -20.38
C PRO C 255 -18.57 -21.16 -21.08
N ARG C 256 -17.54 -20.70 -20.35
CA ARG C 256 -16.51 -19.77 -20.83
C ARG C 256 -15.71 -20.29 -22.01
N GLU C 257 -15.45 -21.61 -22.07
CA GLU C 257 -14.67 -22.24 -23.15
C GLU C 257 -15.34 -22.04 -24.52
N ALA C 258 -14.65 -21.34 -25.41
CA ALA C 258 -15.07 -21.08 -26.79
C ALA C 258 -13.81 -21.05 -27.64
N LYS C 259 -13.92 -21.38 -28.92
CA LYS C 259 -12.78 -21.35 -29.83
C LYS C 259 -13.15 -20.57 -31.07
N VAL C 260 -12.24 -19.71 -31.56
CA VAL C 260 -12.40 -18.89 -32.75
C VAL C 260 -11.29 -19.22 -33.72
N GLN C 261 -11.67 -19.46 -34.99
CA GLN C 261 -10.73 -19.70 -36.07
C GLN C 261 -10.97 -18.67 -37.17
N TRP C 262 -9.92 -18.01 -37.60
CA TRP C 262 -9.98 -17.04 -38.66
C TRP C 262 -9.54 -17.66 -39.96
N LYS C 263 -10.30 -17.39 -41.03
CA LYS C 263 -10.03 -17.90 -42.38
C LYS C 263 -10.14 -16.80 -43.40
N VAL C 264 -9.09 -16.61 -44.20
CA VAL C 264 -9.02 -15.61 -45.25
C VAL C 264 -8.84 -16.38 -46.58
N ASP C 265 -9.92 -16.46 -47.40
CA ASP C 265 -9.96 -17.24 -48.65
C ASP C 265 -9.52 -18.69 -48.31
N ASN C 266 -10.14 -19.27 -47.28
CA ASN C 266 -9.88 -20.62 -46.79
C ASN C 266 -8.47 -20.90 -46.19
N ALA C 267 -7.65 -19.85 -46.02
CA ALA C 267 -6.33 -19.98 -45.39
C ALA C 267 -6.47 -19.72 -43.90
N LEU C 268 -6.12 -20.72 -43.07
CA LEU C 268 -6.20 -20.58 -41.63
C LEU C 268 -5.18 -19.57 -41.13
N GLN C 269 -5.66 -18.58 -40.36
CA GLN C 269 -4.83 -17.50 -39.82
C GLN C 269 -4.31 -17.92 -38.48
N SER C 270 -3.00 -17.80 -38.29
CA SER C 270 -2.37 -18.19 -37.03
C SER C 270 -1.35 -17.13 -36.60
N GLY C 271 -1.47 -16.68 -35.36
CA GLY C 271 -0.56 -15.71 -34.74
C GLY C 271 -0.82 -14.26 -35.05
N ASN C 272 -1.93 -13.93 -35.78
CA ASN C 272 -2.25 -12.55 -36.15
C ASN C 272 -3.61 -12.05 -35.63
N SER C 273 -4.13 -12.71 -34.60
CA SER C 273 -5.34 -12.31 -33.94
C SER C 273 -5.13 -12.21 -32.42
N GLN C 274 -5.94 -11.38 -31.75
CA GLN C 274 -5.95 -11.25 -30.30
C GLN C 274 -7.39 -11.23 -29.86
N GLU C 275 -7.68 -11.81 -28.70
CA GLU C 275 -9.03 -11.85 -28.16
C GLU C 275 -9.09 -11.50 -26.68
N SER C 276 -10.29 -11.09 -26.24
CA SER C 276 -10.54 -10.79 -24.84
C SER C 276 -11.96 -11.15 -24.50
N VAL C 277 -12.13 -11.61 -23.28
CA VAL C 277 -13.38 -12.11 -22.73
C VAL C 277 -13.84 -11.22 -21.58
N THR C 278 -15.14 -10.92 -21.53
CA THR C 278 -15.72 -10.14 -20.45
C THR C 278 -15.84 -10.96 -19.16
N GLU C 279 -16.20 -10.28 -18.08
CA GLU C 279 -16.45 -10.90 -16.78
C GLU C 279 -17.86 -11.52 -16.90
N GLN C 280 -18.19 -12.52 -16.07
CA GLN C 280 -19.50 -13.19 -16.10
C GLN C 280 -20.59 -12.12 -15.88
N ASP C 281 -21.59 -12.04 -16.79
CA ASP C 281 -22.66 -11.04 -16.74
C ASP C 281 -23.51 -11.10 -15.46
N SER C 282 -23.75 -9.92 -14.85
CA SER C 282 -24.51 -9.73 -13.61
C SER C 282 -25.98 -10.12 -13.71
N LYS C 283 -26.56 -10.11 -14.92
CA LYS C 283 -27.97 -10.42 -15.14
C LYS C 283 -28.22 -11.88 -15.60
N ASP C 284 -27.55 -12.31 -16.69
CA ASP C 284 -27.75 -13.66 -17.27
C ASP C 284 -26.64 -14.71 -17.05
N SER C 285 -25.53 -14.32 -16.36
CA SER C 285 -24.40 -15.21 -16.03
C SER C 285 -23.62 -15.70 -17.25
N THR C 286 -23.72 -14.99 -18.37
CA THR C 286 -23.02 -15.36 -19.60
C THR C 286 -21.69 -14.60 -19.76
N TYR C 287 -20.91 -15.05 -20.73
CA TYR C 287 -19.64 -14.47 -21.16
C TYR C 287 -19.79 -13.98 -22.56
N SER C 288 -18.93 -13.03 -22.96
CA SER C 288 -18.85 -12.59 -24.35
C SER C 288 -17.38 -12.54 -24.71
N LEU C 289 -17.08 -12.79 -25.97
CA LEU C 289 -15.71 -12.80 -26.45
C LEU C 289 -15.62 -11.97 -27.70
N SER C 290 -14.51 -11.23 -27.83
CA SER C 290 -14.22 -10.39 -28.98
C SER C 290 -12.83 -10.79 -29.45
N SER C 291 -12.69 -11.09 -30.75
CA SER C 291 -11.46 -11.47 -31.41
C SER C 291 -11.24 -10.53 -32.57
N THR C 292 -10.02 -10.00 -32.71
CA THR C 292 -9.61 -9.09 -33.78
C THR C 292 -8.50 -9.74 -34.58
N LEU C 293 -8.69 -9.82 -35.90
CA LEU C 293 -7.70 -10.27 -36.84
C LEU C 293 -7.07 -9.01 -37.44
N THR C 294 -5.74 -8.90 -37.41
CA THR C 294 -5.08 -7.71 -37.98
C THR C 294 -4.35 -8.08 -39.27
N LEU C 295 -4.54 -7.28 -40.29
CA LEU C 295 -3.88 -7.49 -41.59
C LEU C 295 -3.46 -6.15 -42.09
N SER C 296 -2.43 -6.12 -42.95
CA SER C 296 -2.05 -4.88 -43.60
C SER C 296 -3.18 -4.62 -44.64
N LYS C 297 -3.37 -3.37 -45.09
CA LYS C 297 -4.38 -3.05 -46.11
C LYS C 297 -4.10 -3.89 -47.39
N ALA C 298 -2.83 -3.96 -47.82
CA ALA C 298 -2.41 -4.70 -49.03
C ALA C 298 -2.87 -6.16 -48.99
N ASP C 299 -2.70 -6.84 -47.84
CA ASP C 299 -3.15 -8.22 -47.66
C ASP C 299 -4.67 -8.29 -47.63
N TYR C 300 -5.32 -7.32 -46.98
CA TYR C 300 -6.78 -7.28 -46.95
C TYR C 300 -7.35 -7.15 -48.38
N GLU C 301 -6.76 -6.24 -49.19
CA GLU C 301 -7.23 -6.00 -50.55
C GLU C 301 -6.96 -7.16 -51.53
N LYS C 302 -5.96 -8.01 -51.22
CA LYS C 302 -5.57 -9.18 -52.01
C LYS C 302 -6.49 -10.39 -51.81
N HIS C 303 -7.43 -10.33 -50.85
CA HIS C 303 -8.31 -11.47 -50.58
C HIS C 303 -9.77 -11.11 -50.58
N LYS C 304 -10.67 -12.10 -50.60
CA LYS C 304 -12.09 -11.83 -50.71
C LYS C 304 -12.94 -12.34 -49.59
N VAL C 305 -12.85 -13.63 -49.24
CA VAL C 305 -13.74 -14.22 -48.22
C VAL C 305 -13.07 -14.11 -46.84
N TYR C 306 -13.78 -13.49 -45.87
CA TYR C 306 -13.26 -13.36 -44.51
C TYR C 306 -14.20 -14.05 -43.62
N ALA C 307 -13.72 -15.05 -42.87
CA ALA C 307 -14.58 -15.86 -42.01
C ALA C 307 -14.04 -16.15 -40.62
N CYS C 308 -14.94 -16.20 -39.63
CA CYS C 308 -14.60 -16.64 -38.29
C CYS C 308 -15.53 -17.79 -37.95
N GLU C 309 -14.91 -18.93 -37.65
CA GLU C 309 -15.57 -20.18 -37.34
C GLU C 309 -15.54 -20.34 -35.82
N VAL C 310 -16.69 -20.59 -35.23
CA VAL C 310 -16.89 -20.68 -33.79
C VAL C 310 -17.30 -22.07 -33.30
N THR C 311 -16.54 -22.60 -32.33
CA THR C 311 -16.79 -23.88 -31.68
C THR C 311 -17.14 -23.61 -30.22
N HIS C 312 -18.29 -24.11 -29.77
CA HIS C 312 -18.73 -23.96 -28.39
C HIS C 312 -19.59 -25.17 -28.03
N GLN C 313 -19.66 -25.53 -26.73
CA GLN C 313 -20.45 -26.64 -26.21
C GLN C 313 -21.94 -26.54 -26.62
N GLY C 314 -22.47 -25.31 -26.70
CA GLY C 314 -23.86 -25.05 -27.05
C GLY C 314 -24.21 -25.21 -28.52
N LEU C 315 -23.20 -25.39 -29.38
CA LEU C 315 -23.36 -25.58 -30.82
C LEU C 315 -23.02 -27.04 -31.21
N SER C 316 -23.99 -27.77 -31.83
CA SER C 316 -23.82 -29.17 -32.30
C SER C 316 -22.68 -29.29 -33.34
N SER C 317 -22.50 -28.24 -34.16
CA SER C 317 -21.43 -28.14 -35.16
C SER C 317 -20.93 -26.66 -35.20
N PRO C 318 -19.67 -26.39 -35.62
CA PRO C 318 -19.20 -24.99 -35.69
C PRO C 318 -20.05 -24.03 -36.52
N VAL C 319 -20.20 -22.79 -36.03
CA VAL C 319 -20.95 -21.71 -36.69
C VAL C 319 -19.93 -20.82 -37.41
N THR C 320 -20.11 -20.60 -38.72
CA THR C 320 -19.23 -19.72 -39.49
C THR C 320 -20.02 -18.49 -39.91
N LYS C 321 -19.39 -17.32 -39.80
CA LYS C 321 -19.93 -16.03 -40.20
C LYS C 321 -18.85 -15.43 -41.03
N SER C 322 -19.24 -14.96 -42.20
CA SER C 322 -18.29 -14.42 -43.16
C SER C 322 -18.89 -13.29 -43.96
N PHE C 323 -18.02 -12.63 -44.71
CA PHE C 323 -18.34 -11.58 -45.66
C PHE C 323 -17.34 -11.65 -46.79
N ASN C 324 -17.71 -11.10 -47.95
CA ASN C 324 -16.79 -10.99 -49.07
C ASN C 324 -16.47 -9.53 -49.12
N ARG C 325 -15.17 -9.18 -49.23
CA ARG C 325 -14.70 -7.80 -49.33
C ARG C 325 -15.26 -7.25 -50.67
N GLY C 326 -15.83 -6.05 -50.64
CA GLY C 326 -16.45 -5.45 -51.82
C GLY C 326 -17.96 -5.57 -51.77
N GLU C 327 -18.47 -6.80 -51.51
CA GLU C 327 -19.89 -7.11 -51.37
C GLU C 327 -20.47 -6.40 -50.12
C1 GOL D . 4.07 9.74 41.92
O1 GOL D . 3.57 8.41 41.94
C2 GOL D . 3.50 10.51 43.07
O2 GOL D . 2.07 10.38 43.05
C3 GOL D . 3.87 11.97 43.08
O3 GOL D . 2.90 12.71 42.36
S SO4 E . 20.56 38.47 18.03
O1 SO4 E . 21.46 38.91 19.09
O2 SO4 E . 19.20 38.88 18.33
O3 SO4 E . 20.97 39.03 16.72
O4 SO4 E . 20.62 37.02 17.95
C1 GOL F . -9.99 -8.10 -29.09
O1 GOL F . -10.94 -7.97 -30.13
C2 GOL F . -9.90 -6.84 -28.26
O2 GOL F . -9.55 -5.73 -29.10
C3 GOL F . -11.17 -6.52 -27.52
O3 GOL F . -10.93 -5.53 -26.52
CL CL G . 20.43 9.67 18.21
#